data_7NMG
#
_entry.id   7NMG
#
_cell.length_a   54.320
_cell.length_b   72.130
_cell.length_c   230.650
_cell.angle_alpha   90.000
_cell.angle_beta   90.000
_cell.angle_gamma   90.000
#
_symmetry.space_group_name_H-M   'P 21 21 21'
#
loop_
_entity.id
_entity.type
_entity.pdbx_description
1 polymer 'MHC class I antigen'
2 polymer 'Human MHC Class I, beta 2 microglobulin'
3 polymer 'Diabetes epitope LWMRLLPLL'
4 polymer 'Human 4C6 T-cell Receptor, alpha Chain'
5 polymer 'Human 4C6 T-cell Receptor, beta Chain'
6 non-polymer 'SULFATE ION'
7 non-polymer '4-(2-HYDROXYETHYL)-1-PIPERAZINE ETHANESULFONIC ACID'
8 non-polymer 1,2-ETHANEDIOL
9 water water
#
loop_
_entity_poly.entity_id
_entity_poly.type
_entity_poly.pdbx_seq_one_letter_code
_entity_poly.pdbx_strand_id
1 'polypeptide(L)'
;GSHSMRYFSTSVSRPGRGEPRFIAVGYVDDTQFVRFDSDAASQRMEPRAPWIEQEGPEYWDEETGKVKAHSQTDRENLRI
ALRYYNQSEAGSHTLQMMFGCDVGSDGRFLRGYHQYAYDGKDYIALKEDLRSWTAADMAAQITKRKWEAAHVAEQQRAYL
EGTCVDGLRRYLENGKETLQRTDPPKTHMTHHPISDHEATLRCWALGFYPAEITLTWQRDGEDQTQDTELVETRPAGDGT
FQKWAAVVVPSGEEQRYTCHVQHEGLPKPLTLRWEP
;
A
2 'polypeptide(L)'
;MIQRTPKIQVYSRHPAENGKSNFLNCYVSGFHPSDIEVDLLKNGERIEKVEHSDLSFSKDWSFYLLYYTEFTPTEKDEYA
CRVNHVTLSQPKIVKWDRDM
;
B
3 'polypeptide(L)' LWMRLLPLL C
4 'polypeptide(L)'
;GEDVEQSLFLSVREGDSSVINCTYTDSSSTYLYWYKQEPGAGLQLLTYIFSNMDMKQDQRLTVLLNKKDKHLSLRIADTQ
TGDSAIYFCAEPSGNTGKLIFGQGTTLQVKPIQNPDPAVYQLRDSKSSDKSVCLFTDFDSQTNVSQSKDSDVYITDKCVL
DMRSMDFKSNSAVAWSNKSDFACANAFNNSII
;
D
5 'polypeptide(L)'
;TGVSQDPRHKITKRGQNVTFRCDPISEHNRLYWYRQTLGQGPEFLTYFQNEAQLEKSRLLSDRFSAERPKGSFSTLEIQR
TEQGDSAMYLCASSLHHEQYFGPGTRLTVTEDLKNVFPPEVAVFEPSEAEISHTQKATLVCLATGFYPDHVELSWWVNGK
EVHSGVCTDPQPLKEQPALNDSRYALSSRLRVSATFWQDPRNHFRCQVQFYGLSENDEWTQDRAKPVTQIVSAEAWGRAD
;
E
#
# COMPACT_ATOMS: atom_id res chain seq x y z
N GLY A 1 16.27 30.01 7.38
CA GLY A 1 14.77 30.20 7.46
C GLY A 1 14.03 28.87 7.62
N SER A 2 12.72 28.96 7.91
CA SER A 2 11.76 27.81 7.88
C SER A 2 11.19 27.70 6.47
N HIS A 3 10.78 26.50 6.03
CA HIS A 3 10.49 26.18 4.60
C HIS A 3 9.35 25.16 4.51
N SER A 4 8.69 25.11 3.36
CA SER A 4 7.56 24.22 3.10
C SER A 4 7.65 23.61 1.70
N MET A 5 7.13 22.41 1.55
CA MET A 5 6.89 21.76 0.26
C MET A 5 5.41 21.55 0.06
N ARG A 6 4.86 21.94 -1.09
CA ARG A 6 3.43 21.75 -1.37
C ARG A 6 3.26 21.08 -2.71
N TYR A 7 2.51 20.01 -2.74
CA TYR A 7 2.04 19.29 -3.93
C TYR A 7 0.54 19.55 -4.05
N PHE A 8 0.12 20.04 -5.21
CA PHE A 8 -1.27 20.43 -5.54
C PHE A 8 -1.68 19.65 -6.78
N SER A 9 -2.85 19.06 -6.74
CA SER A 9 -3.40 18.31 -7.87
C SER A 9 -4.86 18.74 -8.07
N THR A 10 -5.28 18.86 -9.33
CA THR A 10 -6.63 19.22 -9.75
C THR A 10 -7.11 18.19 -10.76
N SER A 11 -8.21 17.48 -10.47
CA SER A 11 -8.93 16.56 -11.37
C SER A 11 -10.27 17.16 -11.80
N VAL A 12 -10.47 17.41 -13.08
CA VAL A 12 -11.74 17.99 -13.61
C VAL A 12 -12.39 16.99 -14.58
N SER A 13 -13.55 16.44 -14.24
CA SER A 13 -14.30 15.54 -15.14
C SER A 13 -14.88 16.36 -16.30
N ARG A 14 -15.26 15.68 -17.37
CA ARG A 14 -15.86 16.28 -18.56
C ARG A 14 -16.62 15.19 -19.29
N PRO A 15 -17.76 14.74 -18.76
CA PRO A 15 -18.51 13.64 -19.37
C PRO A 15 -18.72 13.91 -20.85
N GLY A 16 -18.64 12.87 -21.69
CA GLY A 16 -18.70 12.96 -23.17
C GLY A 16 -17.55 13.79 -23.74
N ARG A 17 -16.38 13.73 -23.12
CA ARG A 17 -15.10 14.23 -23.67
C ARG A 17 -13.96 13.35 -23.13
N GLY A 18 -14.30 12.11 -22.77
CA GLY A 18 -13.37 11.08 -22.27
C GLY A 18 -13.13 11.21 -20.77
N GLU A 19 -11.89 11.02 -20.35
CA GLU A 19 -11.54 10.81 -18.93
C GLU A 19 -11.11 12.13 -18.31
N PRO A 20 -11.17 12.25 -16.97
CA PRO A 20 -10.88 13.50 -16.29
C PRO A 20 -9.48 14.01 -16.61
N ARG A 21 -9.39 15.29 -16.90
CA ARG A 21 -8.12 16.02 -16.95
C ARG A 21 -7.55 16.09 -15.56
N PHE A 22 -6.27 15.74 -15.41
CA PHE A 22 -5.52 15.82 -14.14
C PHE A 22 -4.27 16.67 -14.34
N ILE A 23 -4.09 17.69 -13.48
CA ILE A 23 -2.93 18.62 -13.51
C ILE A 23 -2.38 18.69 -12.12
N ALA A 24 -1.08 18.48 -11.99
CA ALA A 24 -0.38 18.51 -10.70
C ALA A 24 0.83 19.41 -10.83
N VAL A 25 1.16 20.03 -9.72
CA VAL A 25 2.26 21.00 -9.61
C VAL A 25 2.90 20.83 -8.23
N GLY A 26 4.19 21.10 -8.13
CA GLY A 26 4.92 21.10 -6.86
C GLY A 26 5.65 22.40 -6.64
N TYR A 27 5.69 22.85 -5.40
CA TYR A 27 6.34 24.08 -4.96
C TYR A 27 7.22 23.77 -3.77
N VAL A 28 8.33 24.48 -3.68
CA VAL A 28 9.05 24.75 -2.41
C VAL A 28 8.95 26.26 -2.15
N ASP A 29 8.27 26.60 -1.04
CA ASP A 29 7.81 27.96 -0.71
C ASP A 29 7.04 28.47 -1.93
N ASP A 30 7.42 29.61 -2.52
CA ASP A 30 6.67 30.21 -3.67
C ASP A 30 7.42 29.93 -4.98
N THR A 31 8.25 28.88 -5.02
CA THR A 31 9.03 28.47 -6.21
C THR A 31 8.53 27.11 -6.72
N GLN A 32 7.88 27.10 -7.88
CA GLN A 32 7.41 25.86 -8.56
C GLN A 32 8.64 25.08 -9.06
N PHE A 33 8.65 23.74 -8.98
CA PHE A 33 9.77 22.95 -9.52
C PHE A 33 9.32 21.74 -10.39
N VAL A 34 8.07 21.34 -10.36
CA VAL A 34 7.62 20.23 -11.25
C VAL A 34 6.20 20.49 -11.66
N ARG A 35 5.74 19.73 -12.65
CA ARG A 35 4.33 19.69 -13.07
C ARG A 35 4.07 18.39 -13.83
N PHE A 36 2.81 17.95 -13.84
CA PHE A 36 2.28 16.86 -14.69
C PHE A 36 0.94 17.31 -15.24
N ASP A 37 0.77 17.22 -16.54
CA ASP A 37 -0.50 17.50 -17.23
C ASP A 37 -0.84 16.25 -18.04
N SER A 38 -1.94 15.61 -17.66
CA SER A 38 -2.48 14.37 -18.23
C SER A 38 -2.96 14.58 -19.68
N ASP A 39 -2.96 15.82 -20.20
CA ASP A 39 -3.30 16.10 -21.62
C ASP A 39 -2.04 16.36 -22.45
N ALA A 40 -0.88 16.59 -21.82
CA ALA A 40 0.43 16.75 -22.50
C ALA A 40 0.82 15.43 -23.22
N ALA A 41 1.59 15.54 -24.29
CA ALA A 41 2.09 14.41 -25.12
C ALA A 41 3.14 13.61 -24.35
N SER A 42 3.92 14.28 -23.47
CA SER A 42 5.09 13.71 -22.73
C SER A 42 4.63 12.54 -21.88
N GLN A 43 3.57 12.74 -21.11
CA GLN A 43 3.05 11.79 -20.08
C GLN A 43 4.12 11.59 -19.00
N ARG A 44 4.79 12.69 -18.61
CA ARG A 44 5.95 12.70 -17.69
C ARG A 44 5.75 13.74 -16.59
N MET A 45 6.44 13.57 -15.47
CA MET A 45 6.71 14.66 -14.50
C MET A 45 7.83 15.53 -15.05
N GLU A 46 7.55 16.78 -15.39
CA GLU A 46 8.48 17.68 -16.13
C GLU A 46 9.12 18.64 -15.14
N PRO A 47 10.37 19.10 -15.38
CA PRO A 47 11.00 20.09 -14.51
C PRO A 47 10.36 21.43 -14.85
N ARG A 48 10.19 22.29 -13.86
CA ARG A 48 9.71 23.69 -14.04
C ARG A 48 10.61 24.62 -13.26
N ALA A 49 11.82 24.17 -12.99
CA ALA A 49 12.88 24.96 -12.33
C ALA A 49 14.20 24.46 -12.89
N PRO A 50 15.12 25.36 -13.31
CA PRO A 50 16.40 24.90 -13.82
C PRO A 50 17.10 24.02 -12.78
N TRP A 51 16.93 24.29 -11.47
CA TRP A 51 17.74 23.64 -10.40
C TRP A 51 17.34 22.17 -10.21
N ILE A 52 16.11 21.78 -10.48
CA ILE A 52 15.64 20.38 -10.30
C ILE A 52 16.20 19.50 -11.44
N GLU A 53 16.60 20.12 -12.56
CA GLU A 53 17.07 19.38 -13.76
C GLU A 53 18.26 18.50 -13.37
N GLN A 54 18.86 18.72 -12.19
CA GLN A 54 20.10 18.03 -11.72
C GLN A 54 19.76 16.65 -11.14
N GLU A 55 18.49 16.36 -10.82
CA GLU A 55 18.11 15.04 -10.28
C GLU A 55 18.39 13.95 -11.34
N GLY A 56 18.87 12.80 -10.89
CA GLY A 56 19.24 11.67 -11.76
C GLY A 56 18.01 11.06 -12.41
N PRO A 57 18.22 10.08 -13.33
CA PRO A 57 17.13 9.50 -14.12
C PRO A 57 16.11 8.75 -13.25
N GLU A 58 16.57 8.11 -12.16
CA GLU A 58 15.67 7.36 -11.22
C GLU A 58 14.59 8.34 -10.75
N TYR A 59 15.00 9.53 -10.35
CA TYR A 59 14.08 10.58 -9.84
C TYR A 59 12.92 10.79 -10.82
N TRP A 60 13.20 11.03 -12.11
CA TRP A 60 12.17 11.38 -13.11
C TRP A 60 11.29 10.16 -13.44
N ASP A 61 11.88 8.97 -13.52
CA ASP A 61 11.12 7.73 -13.84
C ASP A 61 10.13 7.52 -12.69
N GLU A 62 10.58 7.63 -11.43
CA GLU A 62 9.79 7.31 -10.21
C GLU A 62 8.70 8.35 -9.95
N GLU A 63 9.05 9.64 -10.01
CA GLU A 63 8.10 10.77 -9.80
C GLU A 63 7.00 10.67 -10.88
N THR A 64 7.35 10.35 -12.11
CA THR A 64 6.37 10.13 -13.18
C THR A 64 5.39 9.01 -12.76
N GLY A 65 5.93 7.84 -12.37
CA GLY A 65 5.12 6.69 -11.92
C GLY A 65 4.15 7.07 -10.81
N LYS A 66 4.60 7.75 -9.77
CA LYS A 66 3.77 8.08 -8.59
C LYS A 66 2.62 9.02 -8.98
N VAL A 67 2.92 10.09 -9.70
CA VAL A 67 1.88 11.11 -10.05
C VAL A 67 0.86 10.47 -11.01
N LYS A 68 1.28 9.52 -11.81
CA LYS A 68 0.39 8.80 -12.76
C LYS A 68 -0.56 7.90 -11.97
N ALA A 69 -0.04 7.22 -10.95
CA ALA A 69 -0.82 6.41 -9.99
C ALA A 69 -1.83 7.32 -9.29
N HIS A 70 -1.40 8.51 -8.84
CA HIS A 70 -2.29 9.54 -8.23
C HIS A 70 -3.42 9.88 -9.22
N SER A 71 -3.07 10.22 -10.45
CA SER A 71 -4.06 10.57 -11.51
C SER A 71 -5.13 9.49 -11.54
N GLN A 72 -4.75 8.22 -11.40
CA GLN A 72 -5.67 7.06 -11.54
C GLN A 72 -6.57 6.99 -10.31
N THR A 73 -6.02 7.22 -9.12
CA THR A 73 -6.78 7.17 -7.86
C THR A 73 -7.76 8.34 -7.80
N ASP A 74 -7.38 9.55 -8.26
CA ASP A 74 -8.22 10.79 -8.15
C ASP A 74 -9.34 10.69 -9.21
N ARG A 75 -9.08 10.01 -10.32
CA ARG A 75 -10.13 9.58 -11.28
C ARG A 75 -11.21 8.77 -10.54
N GLU A 76 -10.82 7.82 -9.71
CA GLU A 76 -11.81 6.93 -9.04
C GLU A 76 -12.52 7.71 -7.92
N ASN A 77 -11.77 8.60 -7.27
CA ASN A 77 -12.28 9.52 -6.24
C ASN A 77 -13.38 10.44 -6.84
N LEU A 78 -13.25 10.92 -8.09
CA LEU A 78 -14.34 11.75 -8.71
C LEU A 78 -15.65 10.94 -8.71
N ARG A 79 -15.56 9.64 -8.97
CA ARG A 79 -16.71 8.73 -9.17
C ARG A 79 -17.34 8.45 -7.81
N ILE A 80 -16.51 8.14 -6.81
CA ILE A 80 -16.96 7.88 -5.42
C ILE A 80 -17.74 9.09 -4.94
N ALA A 81 -17.21 10.30 -5.20
CA ALA A 81 -17.82 11.61 -4.84
C ALA A 81 -19.20 11.71 -5.48
N LEU A 82 -19.30 11.39 -6.77
CA LEU A 82 -20.56 11.41 -7.54
C LEU A 82 -21.60 10.57 -6.83
N ARG A 83 -21.19 9.41 -6.30
CA ARG A 83 -22.09 8.48 -5.61
C ARG A 83 -22.51 9.13 -4.30
N TYR A 84 -21.58 9.67 -3.54
CA TYR A 84 -21.86 10.21 -2.18
C TYR A 84 -22.89 11.34 -2.27
N TYR A 85 -22.77 12.22 -3.26
CA TYR A 85 -23.58 13.47 -3.35
C TYR A 85 -24.83 13.21 -4.17
N ASN A 86 -24.96 11.98 -4.67
CA ASN A 86 -26.10 11.55 -5.51
C ASN A 86 -26.24 12.53 -6.69
N GLN A 87 -25.15 12.73 -7.42
CA GLN A 87 -25.06 13.72 -8.52
C GLN A 87 -25.06 12.97 -9.85
N SER A 88 -25.66 13.54 -10.90
CA SER A 88 -25.72 12.94 -12.24
C SER A 88 -24.30 12.77 -12.76
N GLU A 89 -24.09 11.96 -13.80
CA GLU A 89 -22.78 11.80 -14.46
C GLU A 89 -22.73 12.62 -15.74
N ALA A 90 -23.61 13.63 -15.88
CA ALA A 90 -23.60 14.62 -16.99
C ALA A 90 -22.72 15.84 -16.61
N GLY A 91 -22.55 16.11 -15.32
CA GLY A 91 -21.89 17.34 -14.83
C GLY A 91 -20.39 17.18 -14.75
N SER A 92 -19.67 18.25 -15.06
CA SER A 92 -18.22 18.39 -14.80
C SER A 92 -18.01 18.73 -13.30
N HIS A 93 -17.16 17.99 -12.60
CA HIS A 93 -16.88 18.18 -11.16
C HIS A 93 -15.37 18.30 -10.99
N THR A 94 -14.93 18.93 -9.92
CA THR A 94 -13.51 19.27 -9.67
C THR A 94 -13.11 18.65 -8.33
N LEU A 95 -12.08 17.83 -8.31
CA LEU A 95 -11.49 17.35 -7.05
C LEU A 95 -10.07 17.87 -6.93
N GLN A 96 -9.76 18.46 -5.80
CA GLN A 96 -8.51 19.15 -5.51
C GLN A 96 -7.90 18.56 -4.24
N MET A 97 -6.59 18.36 -4.27
CA MET A 97 -5.80 17.82 -3.16
C MET A 97 -4.55 18.66 -3.00
N MET A 98 -4.09 18.78 -1.78
CA MET A 98 -2.84 19.43 -1.40
C MET A 98 -2.23 18.58 -0.29
N PHE A 99 -1.00 18.13 -0.44
CA PHE A 99 -0.25 17.54 0.70
C PHE A 99 1.13 18.17 0.73
N GLY A 100 1.87 17.95 1.80
CA GLY A 100 3.26 18.39 1.92
C GLY A 100 3.64 18.58 3.35
N CYS A 101 4.76 19.21 3.60
CA CYS A 101 5.35 19.29 4.94
C CYS A 101 6.11 20.60 5.08
N ASP A 102 6.28 21.06 6.32
CA ASP A 102 7.16 22.22 6.68
C ASP A 102 8.35 21.70 7.50
N VAL A 103 9.51 22.35 7.37
CA VAL A 103 10.66 22.14 8.30
C VAL A 103 11.12 23.50 8.80
N GLY A 104 11.80 23.52 9.96
CA GLY A 104 12.45 24.72 10.53
C GLY A 104 13.86 24.90 10.03
N SER A 105 14.56 25.90 10.56
CA SER A 105 15.98 26.21 10.30
C SER A 105 16.83 24.94 10.34
N ASP A 106 16.67 24.12 11.40
CA ASP A 106 17.49 22.90 11.72
C ASP A 106 17.24 21.78 10.69
N GLY A 107 16.15 21.86 9.91
CA GLY A 107 15.72 20.80 8.97
C GLY A 107 14.72 19.84 9.59
N ARG A 108 14.27 20.09 10.82
CA ARG A 108 13.39 19.18 11.59
C ARG A 108 11.94 19.38 11.15
N PHE A 109 11.16 18.30 11.12
CA PHE A 109 9.73 18.30 10.74
C PHE A 109 8.99 19.25 11.66
N LEU A 110 8.04 19.98 11.10
CA LEU A 110 7.32 21.07 11.81
C LEU A 110 5.83 20.82 11.76
N ARG A 111 5.32 20.31 10.66
CA ARG A 111 3.89 20.36 10.26
C ARG A 111 3.73 19.52 8.99
N GLY A 112 2.69 18.71 8.91
CA GLY A 112 2.29 17.99 7.70
C GLY A 112 0.94 18.49 7.21
N TYR A 113 0.59 18.22 5.94
CA TYR A 113 -0.71 18.63 5.32
C TYR A 113 -1.17 17.54 4.37
N HIS A 114 -2.48 17.37 4.29
CA HIS A 114 -3.21 16.34 3.52
C HIS A 114 -4.70 16.67 3.51
N GLN A 115 -5.18 17.32 2.47
CA GLN A 115 -6.52 17.94 2.42
C GLN A 115 -7.09 17.79 1.03
N TYR A 116 -8.43 17.70 0.93
CA TYR A 116 -9.18 17.61 -0.33
C TYR A 116 -10.27 18.68 -0.34
N ALA A 117 -10.63 19.15 -1.54
CA ALA A 117 -11.79 20.03 -1.84
C ALA A 117 -12.56 19.43 -3.00
N TYR A 118 -13.86 19.23 -2.84
CA TYR A 118 -14.76 18.79 -3.93
C TYR A 118 -15.54 19.98 -4.41
N ASP A 119 -15.56 20.21 -5.72
CA ASP A 119 -16.34 21.32 -6.34
C ASP A 119 -16.08 22.62 -5.57
N GLY A 120 -14.86 22.84 -5.11
CA GLY A 120 -14.36 24.16 -4.69
C GLY A 120 -14.49 24.40 -3.19
N LYS A 121 -15.02 23.44 -2.41
CA LYS A 121 -15.20 23.60 -0.94
C LYS A 121 -14.52 22.44 -0.22
N ASP A 122 -13.91 22.72 0.92
CA ASP A 122 -13.36 21.71 1.88
C ASP A 122 -14.23 20.47 1.82
N TYR A 123 -13.59 19.31 1.66
CA TYR A 123 -14.20 17.96 1.81
C TYR A 123 -13.66 17.32 3.10
N ILE A 124 -12.35 17.01 3.13
CA ILE A 124 -11.72 16.38 4.31
C ILE A 124 -10.28 16.89 4.43
N ALA A 125 -9.75 17.02 5.64
CA ALA A 125 -8.35 17.44 5.88
C ALA A 125 -7.80 16.65 7.07
N LEU A 126 -6.53 16.22 6.98
CA LEU A 126 -5.77 15.68 8.15
C LEU A 126 -5.60 16.79 9.18
N LYS A 127 -5.85 16.56 10.46
CA LYS A 127 -5.64 17.63 11.48
C LYS A 127 -4.15 17.82 11.72
N GLU A 128 -3.75 18.91 12.36
CA GLU A 128 -2.32 19.27 12.53
C GLU A 128 -1.68 18.22 13.47
N ASP A 129 -2.47 17.49 14.27
CA ASP A 129 -1.95 16.40 15.14
C ASP A 129 -1.57 15.17 14.30
N LEU A 130 -2.06 15.07 13.07
CA LEU A 130 -1.71 13.98 12.11
C LEU A 130 -2.35 12.64 12.50
N ARG A 131 -3.29 12.62 13.45
CA ARG A 131 -3.86 11.37 14.02
C ARG A 131 -5.36 11.24 13.69
N SER A 132 -5.99 12.25 13.09
CA SER A 132 -7.45 12.25 12.79
C SER A 132 -7.78 13.32 11.77
N TRP A 133 -9.02 13.32 11.32
CA TRP A 133 -9.53 14.02 10.11
C TRP A 133 -10.63 15.01 10.49
N THR A 134 -10.63 16.21 9.91
CA THR A 134 -11.80 17.14 9.91
C THR A 134 -12.67 16.86 8.69
N ALA A 135 -13.87 16.33 8.88
CA ALA A 135 -14.87 16.09 7.81
C ALA A 135 -15.79 17.28 7.77
N ALA A 136 -16.12 17.78 6.57
CA ALA A 136 -16.76 19.10 6.33
C ALA A 136 -18.27 18.96 6.07
N ASP A 137 -18.80 17.75 5.87
CA ASP A 137 -20.24 17.48 5.54
C ASP A 137 -20.54 15.97 5.62
N MET A 138 -21.81 15.58 5.53
CA MET A 138 -22.28 14.18 5.65
C MET A 138 -21.46 13.24 4.73
N ALA A 139 -21.08 13.66 3.53
CA ALA A 139 -20.37 12.80 2.56
C ALA A 139 -18.93 12.55 3.05
N ALA A 140 -18.27 13.60 3.51
CA ALA A 140 -16.88 13.52 3.96
C ALA A 140 -16.76 12.59 5.17
N GLN A 141 -17.77 12.51 6.04
CA GLN A 141 -17.62 11.71 7.28
C GLN A 141 -17.94 10.24 6.99
N ILE A 142 -18.33 9.90 5.77
CA ILE A 142 -18.19 8.49 5.30
C ILE A 142 -16.71 8.21 5.10
N THR A 143 -16.02 9.05 4.32
CA THR A 143 -14.56 8.95 4.08
C THR A 143 -13.85 8.91 5.42
N LYS A 144 -14.18 9.84 6.32
CA LYS A 144 -13.54 9.99 7.65
C LYS A 144 -13.67 8.69 8.43
N ARG A 145 -14.85 8.08 8.36
CA ARG A 145 -15.15 6.82 9.10
C ARG A 145 -14.36 5.68 8.43
N LYS A 146 -14.30 5.67 7.11
CA LYS A 146 -13.57 4.63 6.34
C LYS A 146 -12.05 4.73 6.62
N TRP A 147 -11.49 5.95 6.60
CA TRP A 147 -10.04 6.23 6.75
C TRP A 147 -9.57 5.95 8.20
N GLU A 148 -10.46 6.11 9.19
CA GLU A 148 -10.18 5.81 10.62
C GLU A 148 -10.18 4.30 10.82
N ALA A 149 -10.98 3.56 10.06
CA ALA A 149 -11.03 2.08 10.08
C ALA A 149 -9.78 1.50 9.40
N ALA A 150 -9.27 2.16 8.34
CA ALA A 150 -8.17 1.69 7.47
C ALA A 150 -6.84 2.19 7.99
N HIS A 151 -6.83 3.15 8.92
CA HIS A 151 -5.61 3.69 9.56
C HIS A 151 -4.77 4.44 8.54
N VAL A 152 -5.42 5.23 7.67
CA VAL A 152 -4.77 6.05 6.61
C VAL A 152 -3.92 7.16 7.22
N ALA A 153 -4.36 7.73 8.32
CA ALA A 153 -3.64 8.81 9.03
C ALA A 153 -2.23 8.33 9.40
N GLU A 154 -2.07 7.20 10.13
CA GLU A 154 -0.73 6.82 10.64
C GLU A 154 0.14 6.37 9.46
N GLN A 155 -0.46 5.89 8.37
CA GLN A 155 0.29 5.63 7.12
C GLN A 155 0.67 6.94 6.43
N GLN A 156 -0.24 7.87 6.21
CA GLN A 156 0.16 9.13 5.56
C GLN A 156 1.11 9.87 6.50
N ARG A 157 0.93 9.74 7.80
CA ARG A 157 1.81 10.43 8.74
C ARG A 157 3.24 9.90 8.54
N ALA A 158 3.40 8.63 8.19
CA ALA A 158 4.73 8.02 7.97
C ALA A 158 5.37 8.66 6.73
N TYR A 159 4.59 8.94 5.71
CA TYR A 159 5.10 9.62 4.49
C TYR A 159 5.47 11.07 4.80
N LEU A 160 4.65 11.81 5.54
CA LEU A 160 4.84 13.27 5.78
C LEU A 160 6.07 13.48 6.64
N GLU A 161 6.33 12.60 7.61
CA GLU A 161 7.50 12.69 8.55
C GLU A 161 8.77 12.11 7.90
N GLY A 162 8.63 11.38 6.79
CA GLY A 162 9.72 10.63 6.15
C GLY A 162 10.01 11.15 4.77
N THR A 163 9.51 10.50 3.74
CA THR A 163 9.84 10.84 2.34
C THR A 163 9.63 12.33 2.08
N CYS A 164 8.61 12.98 2.70
CA CYS A 164 8.28 14.40 2.44
C CYS A 164 9.36 15.36 2.97
N VAL A 165 9.86 15.20 4.20
CA VAL A 165 10.91 16.11 4.74
C VAL A 165 12.24 15.84 4.02
N ASP A 166 12.61 14.58 3.80
CA ASP A 166 13.77 14.14 2.96
C ASP A 166 13.78 14.84 1.58
N GLY A 167 12.69 14.74 0.83
CA GLY A 167 12.50 15.51 -0.42
C GLY A 167 12.81 16.98 -0.18
N LEU A 168 12.14 17.60 0.78
CA LEU A 168 12.24 19.06 1.02
C LEU A 168 13.70 19.41 1.28
N ARG A 169 14.37 18.67 2.19
CA ARG A 169 15.78 18.93 2.62
C ARG A 169 16.73 18.81 1.42
N ARG A 170 16.39 18.01 0.45
CA ARG A 170 17.24 17.70 -0.71
C ARG A 170 17.07 18.81 -1.75
N TYR A 171 15.87 19.27 -1.95
CA TYR A 171 15.56 20.45 -2.78
C TYR A 171 16.19 21.72 -2.18
N LEU A 172 16.13 21.88 -0.85
CA LEU A 172 16.75 23.02 -0.17
C LEU A 172 18.26 22.99 -0.40
N GLU A 173 18.86 21.82 -0.49
CA GLU A 173 20.33 21.71 -0.59
C GLU A 173 20.77 21.77 -2.07
N ASN A 174 19.92 21.33 -3.00
CA ASN A 174 20.20 21.31 -4.47
C ASN A 174 19.70 22.61 -5.14
N GLY A 175 18.67 23.26 -4.60
CA GLY A 175 18.18 24.55 -5.10
C GLY A 175 18.63 25.72 -4.23
N LYS A 176 19.68 25.50 -3.41
CA LYS A 176 20.09 26.38 -2.28
C LYS A 176 19.95 27.87 -2.69
N GLU A 177 20.63 28.30 -3.76
CA GLU A 177 20.82 29.74 -4.13
C GLU A 177 19.49 30.34 -4.60
N THR A 178 18.55 29.52 -5.04
CA THR A 178 17.16 29.95 -5.37
C THR A 178 16.29 30.01 -4.09
N LEU A 179 16.27 28.96 -3.28
CA LEU A 179 15.21 28.73 -2.26
C LEU A 179 15.60 29.36 -0.91
N GLN A 180 16.87 29.37 -0.55
CA GLN A 180 17.33 29.93 0.76
C GLN A 180 17.77 31.37 0.51
N ARG A 181 16.86 32.15 -0.04
CA ARG A 181 17.03 33.60 -0.27
C ARG A 181 15.75 34.32 0.19
N THR A 182 15.91 35.59 0.58
CA THR A 182 14.86 36.60 0.66
C THR A 182 15.28 37.79 -0.23
N ASP A 183 14.37 38.23 -1.11
CA ASP A 183 14.41 39.56 -1.76
C ASP A 183 13.45 40.46 -1.00
N PRO A 184 13.98 41.53 -0.38
CA PRO A 184 13.16 42.44 0.39
C PRO A 184 12.42 43.35 -0.57
N PRO A 185 11.20 43.84 -0.19
CA PRO A 185 10.39 44.64 -1.10
C PRO A 185 11.08 45.99 -1.31
N LYS A 186 11.07 46.45 -2.54
CA LYS A 186 11.50 47.80 -2.91
C LYS A 186 10.24 48.66 -2.84
N THR A 187 10.23 49.67 -1.96
CA THR A 187 9.02 50.42 -1.54
C THR A 187 9.08 51.88 -1.97
N HIS A 188 7.97 52.41 -2.47
CA HIS A 188 7.77 53.85 -2.78
C HIS A 188 6.27 54.18 -2.69
N MET A 189 5.90 55.45 -2.57
CA MET A 189 4.48 55.89 -2.67
C MET A 189 4.28 56.70 -3.94
N THR A 190 3.04 56.72 -4.45
CA THR A 190 2.57 57.56 -5.59
C THR A 190 1.35 58.38 -5.13
N HIS A 191 1.37 59.69 -5.37
CA HIS A 191 0.24 60.63 -5.13
C HIS A 191 -0.52 60.81 -6.44
N HIS A 192 -1.84 60.58 -6.43
CA HIS A 192 -2.71 60.57 -7.63
C HIS A 192 -3.92 61.43 -7.38
N PRO A 193 -3.89 62.73 -7.76
CA PRO A 193 -5.06 63.59 -7.60
C PRO A 193 -6.27 62.97 -8.31
N ILE A 194 -7.45 62.96 -7.66
CA ILE A 194 -8.73 62.40 -8.22
C ILE A 194 -9.70 63.55 -8.49
N SER A 195 -9.83 64.47 -7.54
CA SER A 195 -10.49 65.78 -7.69
C SER A 195 -9.51 66.86 -7.25
N ASP A 196 -9.90 68.13 -7.37
CA ASP A 196 -9.06 69.27 -6.93
C ASP A 196 -8.80 69.12 -5.40
N HIS A 197 -9.62 68.32 -4.68
CA HIS A 197 -9.61 68.24 -3.20
C HIS A 197 -9.39 66.81 -2.67
N GLU A 198 -9.03 65.86 -3.55
CA GLU A 198 -8.76 64.43 -3.19
C GLU A 198 -7.50 63.93 -3.89
N ALA A 199 -6.90 62.87 -3.33
CA ALA A 199 -5.84 62.06 -3.96
C ALA A 199 -5.93 60.60 -3.46
N THR A 200 -5.60 59.65 -4.33
CA THR A 200 -5.26 58.25 -3.97
C THR A 200 -3.77 58.25 -3.65
N LEU A 201 -3.41 57.83 -2.44
CA LEU A 201 -2.02 57.51 -2.06
C LEU A 201 -1.82 56.01 -2.24
N ARG A 202 -0.85 55.61 -3.05
CA ARG A 202 -0.63 54.19 -3.35
C ARG A 202 0.72 53.79 -2.81
N CYS A 203 0.73 52.75 -1.99
CA CYS A 203 1.93 52.16 -1.36
C CYS A 203 2.35 50.90 -2.13
N TRP A 204 3.58 50.92 -2.62
CA TRP A 204 4.12 49.92 -3.58
C TRP A 204 5.11 49.03 -2.90
N ALA A 205 5.02 47.73 -3.11
CA ALA A 205 6.09 46.77 -2.78
C ALA A 205 6.39 45.95 -4.03
N LEU A 206 7.60 46.11 -4.58
CA LEU A 206 8.11 45.42 -5.82
C LEU A 206 9.31 44.50 -5.52
N GLY A 207 9.42 43.44 -6.33
CA GLY A 207 10.58 42.56 -6.44
C GLY A 207 10.85 41.82 -5.15
N PHE A 208 9.82 41.32 -4.47
CA PHE A 208 10.02 40.66 -3.16
C PHE A 208 9.79 39.15 -3.28
N TYR A 209 10.46 38.45 -2.38
CA TYR A 209 10.36 36.98 -2.21
C TYR A 209 10.75 36.67 -0.78
N PRO A 210 10.00 35.77 -0.08
CA PRO A 210 8.83 35.12 -0.66
C PRO A 210 7.58 36.03 -0.74
N ALA A 211 6.44 35.46 -1.10
CA ALA A 211 5.19 36.14 -1.50
C ALA A 211 4.53 36.85 -0.30
N GLU A 212 4.54 36.19 0.87
CA GLU A 212 3.94 36.68 2.14
C GLU A 212 4.44 38.10 2.44
N ILE A 213 3.53 39.02 2.69
CA ILE A 213 3.80 40.47 2.93
C ILE A 213 2.56 41.09 3.54
N THR A 214 2.73 42.07 4.43
CA THR A 214 1.62 42.86 5.01
C THR A 214 1.83 44.33 4.63
N LEU A 215 0.82 44.91 3.99
CA LEU A 215 0.71 46.34 3.63
C LEU A 215 -0.48 46.93 4.38
N THR A 216 -0.26 47.95 5.21
CA THR A 216 -1.27 48.55 6.10
C THR A 216 -1.23 50.08 5.95
N TRP A 217 -2.38 50.75 5.94
CA TRP A 217 -2.43 52.22 6.08
C TRP A 217 -2.86 52.55 7.50
N GLN A 218 -2.21 53.56 8.10
CA GLN A 218 -2.61 54.20 9.39
C GLN A 218 -2.97 55.65 9.12
N ARG A 219 -3.74 56.27 10.00
CA ARG A 219 -3.99 57.73 10.03
C ARG A 219 -3.87 58.11 11.48
N ASP A 220 -2.89 58.96 11.80
CA ASP A 220 -2.52 59.23 13.21
C ASP A 220 -2.30 57.89 13.94
N GLY A 221 -1.74 56.89 13.26
CA GLY A 221 -1.35 55.62 13.89
C GLY A 221 -2.54 54.73 14.20
N GLU A 222 -3.73 55.04 13.69
CA GLU A 222 -4.92 54.16 13.72
C GLU A 222 -5.03 53.45 12.36
N ASP A 223 -5.34 52.15 12.38
CA ASP A 223 -5.38 51.32 11.14
C ASP A 223 -6.58 51.78 10.31
N GLN A 224 -6.45 51.77 8.98
CA GLN A 224 -7.47 52.28 8.02
C GLN A 224 -8.04 51.11 7.20
N THR A 225 -7.95 49.90 7.75
CA THR A 225 -8.58 48.65 7.25
C THR A 225 -9.81 48.97 6.39
N GLN A 226 -10.74 49.79 6.88
CA GLN A 226 -12.07 49.97 6.25
C GLN A 226 -11.97 50.69 4.89
N ASP A 227 -11.05 51.65 4.72
CA ASP A 227 -11.12 52.65 3.61
C ASP A 227 -9.90 52.50 2.68
N THR A 228 -9.16 51.39 2.85
CA THR A 228 -7.94 51.03 2.08
C THR A 228 -8.34 50.06 0.96
N GLU A 229 -7.83 50.29 -0.27
CA GLU A 229 -7.84 49.30 -1.38
C GLU A 229 -6.50 48.55 -1.38
N LEU A 230 -6.57 47.28 -1.71
CA LEU A 230 -5.46 46.31 -1.51
C LEU A 230 -5.59 45.27 -2.62
N VAL A 231 -4.64 45.18 -3.53
CA VAL A 231 -4.64 44.16 -4.61
C VAL A 231 -4.05 42.84 -4.07
N GLU A 232 -4.55 41.72 -4.56
CA GLU A 232 -3.88 40.43 -4.35
C GLU A 232 -2.40 40.59 -4.73
N THR A 233 -1.54 40.02 -3.90
CA THR A 233 -0.12 39.85 -4.23
C THR A 233 -0.05 39.08 -5.54
N ARG A 234 0.81 39.54 -6.45
CA ARG A 234 0.87 39.04 -7.83
C ARG A 234 2.31 38.72 -8.19
N PRO A 235 2.50 37.69 -9.06
CA PRO A 235 3.81 37.35 -9.63
C PRO A 235 4.27 38.30 -10.74
N ALA A 236 5.51 38.74 -10.62
CA ALA A 236 6.25 39.52 -11.63
C ALA A 236 6.64 38.65 -12.84
N GLY A 237 6.67 37.32 -12.68
CA GLY A 237 7.01 36.34 -13.73
C GLY A 237 8.50 35.95 -13.73
N ASP A 238 9.29 36.59 -12.86
CA ASP A 238 10.76 36.48 -12.75
C ASP A 238 11.11 35.89 -11.38
N GLY A 239 10.14 35.28 -10.70
CA GLY A 239 10.31 34.66 -9.38
C GLY A 239 10.26 35.66 -8.23
N THR A 240 9.83 36.91 -8.49
CA THR A 240 9.52 37.91 -7.43
C THR A 240 8.03 38.25 -7.45
N PHE A 241 7.59 38.91 -6.38
CA PHE A 241 6.19 39.32 -6.15
C PHE A 241 6.08 40.85 -6.09
N GLN A 242 4.88 41.33 -6.43
CA GLN A 242 4.46 42.75 -6.34
C GLN A 242 3.17 42.84 -5.50
N LYS A 243 2.99 43.94 -4.78
CA LYS A 243 1.70 44.31 -4.16
C LYS A 243 1.63 45.82 -4.03
N TRP A 244 0.41 46.37 -4.00
CA TRP A 244 0.17 47.74 -3.51
C TRP A 244 -1.08 47.82 -2.65
N ALA A 245 -1.18 48.93 -1.90
CA ALA A 245 -2.33 49.34 -1.09
C ALA A 245 -2.53 50.87 -1.25
N ALA A 246 -3.79 51.29 -1.37
CA ALA A 246 -4.18 52.67 -1.69
C ALA A 246 -5.26 53.12 -0.71
N VAL A 247 -5.18 54.38 -0.28
CA VAL A 247 -6.23 55.11 0.48
C VAL A 247 -6.57 56.39 -0.29
N VAL A 248 -7.84 56.73 -0.42
CA VAL A 248 -8.22 58.07 -0.92
C VAL A 248 -8.19 59.03 0.27
N VAL A 249 -7.65 60.21 0.06
CA VAL A 249 -7.15 61.08 1.14
C VAL A 249 -7.60 62.51 0.84
N PRO A 250 -8.19 63.22 1.81
CA PRO A 250 -8.38 64.66 1.70
C PRO A 250 -7.09 65.45 1.37
N SER A 251 -7.11 66.20 0.27
CA SER A 251 -6.09 67.23 -0.09
C SER A 251 -5.66 67.98 1.18
N GLY A 252 -4.40 67.86 1.62
CA GLY A 252 -3.86 68.61 2.78
C GLY A 252 -3.57 67.70 3.95
N GLU A 253 -4.24 66.55 4.05
CA GLU A 253 -4.11 65.59 5.20
C GLU A 253 -3.04 64.52 4.92
N GLU A 254 -2.23 64.64 3.86
CA GLU A 254 -1.30 63.59 3.38
C GLU A 254 -0.36 63.14 4.50
N GLN A 255 0.18 64.05 5.30
CA GLN A 255 1.22 63.69 6.29
C GLN A 255 0.61 63.04 7.56
N ARG A 256 -0.72 62.92 7.70
CA ARG A 256 -1.37 62.18 8.83
C ARG A 256 -1.34 60.67 8.55
N TYR A 257 -1.05 60.27 7.31
CA TYR A 257 -1.14 58.88 6.79
C TYR A 257 0.25 58.27 6.67
N THR A 258 0.38 57.03 7.11
CA THR A 258 1.59 56.23 7.02
C THR A 258 1.21 54.85 6.47
N CYS A 259 2.11 54.25 5.69
CA CYS A 259 2.03 52.87 5.14
C CYS A 259 3.04 52.02 5.89
N HIS A 260 2.63 50.88 6.41
CA HIS A 260 3.47 49.94 7.16
C HIS A 260 3.66 48.70 6.29
N VAL A 261 4.91 48.32 6.03
CA VAL A 261 5.29 47.11 5.25
C VAL A 261 5.97 46.14 6.21
N GLN A 262 5.40 44.95 6.41
CA GLN A 262 6.08 43.81 7.09
C GLN A 262 6.44 42.77 6.03
N HIS A 263 7.64 42.20 6.10
CA HIS A 263 8.12 41.13 5.19
C HIS A 263 9.37 40.47 5.76
N GLU A 264 9.47 39.15 5.64
CA GLU A 264 10.50 38.28 6.25
C GLU A 264 11.89 38.83 5.88
N GLY A 265 11.99 39.55 4.76
CA GLY A 265 13.30 40.01 4.23
C GLY A 265 13.65 41.41 4.67
N LEU A 266 12.92 41.98 5.66
CA LEU A 266 13.14 43.34 6.24
C LEU A 266 13.62 43.21 7.68
N PRO A 267 14.71 43.91 8.06
CA PRO A 267 15.21 43.87 9.44
C PRO A 267 14.11 44.25 10.44
N LYS A 268 13.51 45.43 10.24
CA LYS A 268 12.28 45.85 10.97
C LYS A 268 11.26 46.37 9.94
N PRO A 269 9.95 46.26 10.26
CA PRO A 269 8.91 46.80 9.39
C PRO A 269 9.18 48.26 8.97
N LEU A 270 8.77 48.62 7.75
CA LEU A 270 8.91 50.00 7.19
C LEU A 270 7.67 50.81 7.51
N THR A 271 7.88 52.08 7.85
CA THR A 271 6.87 53.16 7.88
C THR A 271 7.20 54.11 6.71
N LEU A 272 6.22 54.45 5.88
CA LEU A 272 6.35 55.43 4.77
C LEU A 272 5.35 56.56 4.96
N ARG A 273 5.76 57.79 4.69
CA ARG A 273 4.90 58.99 4.71
C ARG A 273 5.04 59.70 3.37
N TRP A 274 3.97 60.29 2.85
CA TRP A 274 4.05 61.18 1.66
C TRP A 274 4.95 62.37 2.01
N GLU A 275 6.23 62.22 1.70
CA GLU A 275 7.29 63.25 1.89
C GLU A 275 7.71 63.80 0.52
N PRO A 276 8.15 62.96 -0.45
CA PRO A 276 8.83 63.46 -1.66
C PRO A 276 8.32 64.83 -2.16
N MET B 1 -22.38 23.33 -5.43
CA MET B 1 -21.21 23.74 -6.26
C MET B 1 -20.88 25.22 -6.03
N ILE B 2 -19.61 25.52 -5.69
CA ILE B 2 -19.06 26.91 -5.61
C ILE B 2 -18.61 27.36 -7.01
N GLN B 3 -18.94 28.60 -7.35
CA GLN B 3 -18.33 29.37 -8.46
C GLN B 3 -17.81 30.69 -7.91
N ARG B 4 -16.61 31.06 -8.29
CA ARG B 4 -15.99 32.35 -7.95
C ARG B 4 -15.51 32.98 -9.26
N THR B 5 -15.79 34.26 -9.44
CA THR B 5 -15.41 35.03 -10.64
C THR B 5 -13.96 35.49 -10.49
N PRO B 6 -13.15 35.56 -11.58
CA PRO B 6 -11.75 35.89 -11.44
C PRO B 6 -11.52 37.35 -11.07
N LYS B 7 -10.58 37.57 -10.14
CA LYS B 7 -9.80 38.82 -9.97
C LYS B 7 -8.78 38.95 -11.10
N ILE B 8 -8.72 40.12 -11.74
CA ILE B 8 -7.90 40.40 -12.96
C ILE B 8 -6.99 41.60 -12.68
N GLN B 9 -5.69 41.42 -12.86
CA GLN B 9 -4.70 42.51 -12.85
C GLN B 9 -3.89 42.41 -14.13
N VAL B 10 -3.76 43.52 -14.84
CA VAL B 10 -2.82 43.63 -15.98
C VAL B 10 -1.81 44.71 -15.62
N TYR B 11 -0.54 44.33 -15.60
CA TYR B 11 0.59 45.12 -15.07
C TYR B 11 1.86 44.67 -15.79
N SER B 12 2.89 45.50 -15.79
CA SER B 12 4.20 45.20 -16.38
C SER B 12 5.05 44.62 -15.27
N ARG B 13 5.97 43.71 -15.62
CA ARG B 13 6.98 43.15 -14.68
C ARG B 13 7.86 44.28 -14.15
N HIS B 14 8.28 45.20 -15.01
CA HIS B 14 9.16 46.33 -14.62
C HIS B 14 8.39 47.63 -14.80
N PRO B 15 8.77 48.70 -14.08
CA PRO B 15 8.23 50.01 -14.38
C PRO B 15 8.35 50.25 -15.89
N ALA B 16 7.29 50.70 -16.54
CA ALA B 16 7.27 50.97 -17.99
C ALA B 16 8.17 52.16 -18.28
N GLU B 17 9.14 51.97 -19.16
CA GLU B 17 9.79 53.02 -19.96
C GLU B 17 9.39 52.82 -21.42
N ASN B 18 8.98 53.87 -22.13
CA ASN B 18 8.66 53.73 -23.57
C ASN B 18 9.94 53.31 -24.31
N GLY B 19 9.88 52.22 -25.09
CA GLY B 19 10.99 51.73 -25.94
C GLY B 19 11.82 50.61 -25.30
N LYS B 20 11.63 50.33 -23.99
CA LYS B 20 12.43 49.32 -23.20
C LYS B 20 11.66 48.00 -23.15
N SER B 21 12.25 46.93 -23.69
CA SER B 21 11.80 45.54 -23.53
C SER B 21 11.31 45.35 -22.07
N ASN B 22 10.28 44.55 -21.91
CA ASN B 22 9.52 44.40 -20.65
C ASN B 22 8.60 43.20 -20.85
N PHE B 23 7.93 42.75 -19.80
CA PHE B 23 6.89 41.70 -19.89
C PHE B 23 5.52 42.29 -19.46
N LEU B 24 4.50 42.01 -20.25
CA LEU B 24 3.09 42.33 -19.95
C LEU B 24 2.45 41.15 -19.23
N ASN B 25 1.86 41.40 -18.07
CA ASN B 25 1.31 40.36 -17.17
C ASN B 25 -0.20 40.58 -17.03
N CYS B 26 -0.97 39.53 -17.31
CA CYS B 26 -2.38 39.44 -16.90
C CYS B 26 -2.48 38.28 -15.93
N TYR B 27 -2.81 38.60 -14.68
CA TYR B 27 -2.93 37.67 -13.56
C TYR B 27 -4.39 37.49 -13.21
N VAL B 28 -4.88 36.26 -13.30
CA VAL B 28 -6.27 35.90 -12.95
C VAL B 28 -6.21 34.99 -11.75
N SER B 29 -6.88 35.39 -10.69
CA SER B 29 -6.85 34.70 -9.39
C SER B 29 -8.27 34.64 -8.82
N GLY B 30 -8.51 33.73 -7.89
CA GLY B 30 -9.69 33.75 -7.00
C GLY B 30 -10.89 33.13 -7.67
N PHE B 31 -10.69 32.35 -8.72
CA PHE B 31 -11.84 31.81 -9.52
C PHE B 31 -12.00 30.30 -9.35
N HIS B 32 -13.18 29.82 -9.76
CA HIS B 32 -13.63 28.41 -9.72
C HIS B 32 -14.94 28.30 -10.48
N PRO B 33 -15.18 27.28 -11.34
CA PRO B 33 -14.21 26.21 -11.63
C PRO B 33 -13.10 26.69 -12.60
N SER B 34 -12.24 25.79 -13.09
CA SER B 34 -10.87 26.11 -13.56
C SER B 34 -10.88 26.56 -15.02
N ASP B 35 -11.79 26.05 -15.85
CA ASP B 35 -12.01 26.50 -17.25
C ASP B 35 -12.02 28.03 -17.32
N ILE B 36 -11.13 28.61 -18.12
CA ILE B 36 -11.07 30.08 -18.31
C ILE B 36 -10.36 30.41 -19.63
N GLU B 37 -10.87 31.37 -20.37
CA GLU B 37 -10.29 31.88 -21.63
C GLU B 37 -9.70 33.24 -21.32
N VAL B 38 -8.39 33.38 -21.45
CA VAL B 38 -7.67 34.69 -21.28
C VAL B 38 -7.03 35.01 -22.61
N ASP B 39 -7.03 36.28 -23.00
CA ASP B 39 -6.33 36.80 -24.19
C ASP B 39 -5.73 38.13 -23.79
N LEU B 40 -4.52 38.39 -24.23
CA LEU B 40 -3.92 39.74 -24.14
C LEU B 40 -4.15 40.41 -25.47
N LEU B 41 -4.47 41.71 -25.45
CA LEU B 41 -4.79 42.52 -26.65
C LEU B 41 -3.74 43.63 -26.81
N LYS B 42 -3.37 43.92 -28.07
CA LYS B 42 -2.66 45.15 -28.49
C LYS B 42 -3.60 45.95 -29.40
N ASN B 43 -4.11 47.09 -28.92
CA ASN B 43 -5.06 47.92 -29.69
C ASN B 43 -6.24 47.05 -30.15
N GLY B 44 -6.65 46.07 -29.34
CA GLY B 44 -7.82 45.23 -29.64
C GLY B 44 -7.44 43.89 -30.26
N GLU B 45 -6.31 43.80 -30.98
CA GLU B 45 -5.87 42.53 -31.64
C GLU B 45 -5.33 41.59 -30.55
N ARG B 46 -5.84 40.34 -30.54
CA ARG B 46 -5.27 39.20 -29.78
C ARG B 46 -3.79 39.05 -30.13
N ILE B 47 -2.94 38.93 -29.14
CA ILE B 47 -1.47 38.70 -29.27
C ILE B 47 -1.21 37.18 -29.32
N GLU B 48 -0.53 36.72 -30.38
CA GLU B 48 -0.32 35.27 -30.66
C GLU B 48 0.69 34.67 -29.65
N LYS B 49 1.66 35.45 -29.20
CA LYS B 49 2.89 34.92 -28.57
C LYS B 49 2.74 34.90 -27.04
N VAL B 50 1.80 34.12 -26.49
CA VAL B 50 1.30 34.31 -25.09
C VAL B 50 1.41 33.00 -24.28
N GLU B 51 2.24 33.03 -23.23
CA GLU B 51 2.47 31.88 -22.32
C GLU B 51 1.52 32.00 -21.13
N HIS B 52 1.30 30.89 -20.41
CA HIS B 52 0.60 30.87 -19.11
C HIS B 52 1.32 29.90 -18.14
N SER B 53 1.31 30.25 -16.86
CA SER B 53 1.74 29.40 -15.72
C SER B 53 0.91 28.12 -15.74
N ASP B 54 1.36 27.09 -15.02
CA ASP B 54 0.61 25.82 -14.85
C ASP B 54 -0.50 26.04 -13.81
N LEU B 55 -1.66 25.41 -14.01
CA LEU B 55 -2.82 25.55 -13.09
C LEU B 55 -2.36 25.23 -11.65
N SER B 56 -2.26 26.28 -10.83
CA SER B 56 -2.16 26.21 -9.36
C SER B 56 -3.40 26.86 -8.70
N PHE B 57 -3.54 26.72 -7.37
CA PHE B 57 -4.68 27.24 -6.57
C PHE B 57 -4.21 27.66 -5.20
N SER B 58 -5.06 28.35 -4.47
CA SER B 58 -4.72 29.04 -3.20
C SER B 58 -5.31 28.26 -2.04
N LYS B 59 -5.00 28.69 -0.81
CA LYS B 59 -5.45 28.06 0.46
C LYS B 59 -6.98 27.97 0.49
N ASP B 60 -7.70 28.84 -0.22
CA ASP B 60 -9.20 28.84 -0.29
C ASP B 60 -9.68 27.94 -1.45
N TRP B 61 -8.76 27.23 -2.13
CA TRP B 61 -8.97 26.27 -3.25
C TRP B 61 -9.29 26.99 -4.56
N SER B 62 -9.22 28.32 -4.59
CA SER B 62 -9.51 29.12 -5.82
C SER B 62 -8.27 29.12 -6.72
N PHE B 63 -8.46 29.04 -8.02
CA PHE B 63 -7.37 28.88 -9.01
C PHE B 63 -6.69 30.22 -9.27
N TYR B 64 -5.43 30.16 -9.71
CA TYR B 64 -4.70 31.34 -10.21
C TYR B 64 -3.82 30.93 -11.40
N LEU B 65 -3.80 31.78 -12.43
CA LEU B 65 -2.95 31.67 -13.65
C LEU B 65 -2.30 33.02 -13.96
N LEU B 66 -1.02 32.99 -14.34
CA LEU B 66 -0.27 34.12 -14.94
C LEU B 66 -0.23 33.90 -16.44
N TYR B 67 -0.76 34.87 -17.21
CA TYR B 67 -0.52 35.04 -18.67
C TYR B 67 0.48 36.15 -18.89
N TYR B 68 1.46 35.93 -19.76
CA TYR B 68 2.53 36.91 -20.04
C TYR B 68 2.99 36.80 -21.49
N THR B 69 3.52 37.91 -21.99
CA THR B 69 4.21 38.04 -23.28
C THR B 69 5.26 39.13 -23.14
N GLU B 70 6.38 39.03 -23.86
CA GLU B 70 7.37 40.15 -23.92
C GLU B 70 6.80 41.19 -24.89
N PHE B 71 7.04 42.45 -24.61
CA PHE B 71 6.50 43.57 -25.39
C PHE B 71 7.38 44.78 -25.16
N THR B 72 7.37 45.73 -26.10
CA THR B 72 8.02 47.04 -25.95
C THR B 72 6.94 48.13 -25.92
N PRO B 73 6.52 48.59 -24.73
CA PRO B 73 5.48 49.60 -24.63
C PRO B 73 5.86 50.90 -25.34
N THR B 74 4.94 51.43 -26.14
CA THR B 74 5.03 52.79 -26.73
C THR B 74 4.14 53.74 -25.90
N GLU B 75 4.34 55.05 -26.08
CA GLU B 75 3.42 56.14 -25.64
C GLU B 75 2.00 55.87 -26.16
N LYS B 76 1.88 55.50 -27.44
CA LYS B 76 0.60 55.43 -28.20
C LYS B 76 -0.15 54.12 -27.90
N ASP B 77 0.54 52.97 -27.93
CA ASP B 77 -0.09 51.62 -28.04
C ASP B 77 -0.78 51.22 -26.72
N GLU B 78 -1.88 50.47 -26.84
CA GLU B 78 -2.91 50.26 -25.80
C GLU B 78 -3.03 48.74 -25.54
N TYR B 79 -2.72 48.28 -24.34
CA TYR B 79 -2.77 46.83 -24.02
C TYR B 79 -3.92 46.58 -23.06
N ALA B 80 -4.45 45.38 -23.10
CA ALA B 80 -5.59 44.95 -22.27
C ALA B 80 -5.56 43.42 -22.15
N CYS B 81 -6.40 42.90 -21.27
CA CYS B 81 -6.53 41.47 -20.98
C CYS B 81 -8.02 41.09 -21.02
N ARG B 82 -8.45 40.27 -21.98
CA ARG B 82 -9.87 39.83 -22.16
C ARG B 82 -10.07 38.48 -21.46
N VAL B 83 -10.97 38.40 -20.49
CA VAL B 83 -11.22 37.16 -19.67
C VAL B 83 -12.67 36.72 -19.86
N ASN B 84 -12.93 35.42 -20.00
CA ASN B 84 -14.30 34.85 -19.92
C ASN B 84 -14.25 33.63 -19.00
N HIS B 85 -15.38 33.31 -18.38
CA HIS B 85 -15.53 32.32 -17.31
C HIS B 85 -17.02 32.07 -17.19
N VAL B 86 -17.45 30.95 -16.63
CA VAL B 86 -18.90 30.65 -16.51
C VAL B 86 -19.57 31.76 -15.69
N THR B 87 -18.84 32.39 -14.74
CA THR B 87 -19.38 33.44 -13.84
C THR B 87 -19.70 34.73 -14.62
N LEU B 88 -19.20 34.86 -15.85
CA LEU B 88 -19.37 36.10 -16.64
C LEU B 88 -20.30 35.82 -17.81
N SER B 89 -21.24 36.73 -18.04
CA SER B 89 -22.24 36.68 -19.13
C SER B 89 -21.58 37.13 -20.43
N GLN B 90 -20.47 37.84 -20.33
CA GLN B 90 -19.67 38.26 -21.49
C GLN B 90 -18.26 38.51 -21.02
N PRO B 91 -17.27 38.48 -21.93
CA PRO B 91 -15.88 38.69 -21.55
C PRO B 91 -15.71 40.08 -20.92
N LYS B 92 -14.82 40.16 -19.95
CA LYS B 92 -14.42 41.36 -19.20
C LYS B 92 -13.05 41.77 -19.73
N ILE B 93 -12.93 43.00 -20.19
CA ILE B 93 -11.65 43.57 -20.66
C ILE B 93 -11.14 44.54 -19.60
N VAL B 94 -9.85 44.45 -19.24
CA VAL B 94 -9.19 45.36 -18.27
C VAL B 94 -8.00 46.03 -18.93
N LYS B 95 -8.14 47.31 -19.30
CA LYS B 95 -7.06 48.12 -19.92
C LYS B 95 -5.87 48.07 -18.97
N TRP B 96 -4.66 48.12 -19.52
CA TRP B 96 -3.39 48.22 -18.76
C TRP B 96 -3.17 49.68 -18.36
N ASP B 97 -3.01 49.90 -17.07
CA ASP B 97 -2.62 51.18 -16.43
C ASP B 97 -1.21 51.06 -15.89
N ARG B 98 -0.29 51.84 -16.44
CA ARG B 98 1.14 51.87 -16.01
C ARG B 98 1.24 52.04 -14.49
N ASP B 99 0.30 52.78 -13.89
CA ASP B 99 0.32 53.17 -12.44
C ASP B 99 -0.57 52.24 -11.60
N MET B 100 -1.36 51.35 -12.24
CA MET B 100 -2.49 50.55 -11.64
C MET B 100 -3.70 51.43 -11.31
N LEU C 1 9.42 14.85 -3.48
CA LEU C 1 9.19 13.39 -3.53
C LEU C 1 7.72 13.12 -3.26
N TRP C 2 6.99 12.76 -4.31
CA TRP C 2 5.55 12.40 -4.28
C TRP C 2 5.31 11.18 -3.39
N MET C 3 4.06 11.04 -2.92
CA MET C 3 3.51 9.84 -2.22
C MET C 3 3.57 8.63 -3.13
N ARG C 4 3.60 7.47 -2.51
CA ARG C 4 3.52 6.16 -3.17
C ARG C 4 2.13 5.53 -2.96
N LEU C 5 1.23 6.11 -2.19
CA LEU C 5 -0.12 5.48 -1.97
C LEU C 5 -1.14 6.54 -1.56
N LEU C 6 -1.87 7.07 -2.54
CA LEU C 6 -3.06 7.92 -2.37
C LEU C 6 -4.26 7.11 -1.87
N PRO C 7 -5.06 7.67 -0.93
CA PRO C 7 -6.26 7.00 -0.44
C PRO C 7 -7.50 7.18 -1.32
N LEU C 8 -8.44 6.25 -1.22
CA LEU C 8 -9.77 6.37 -1.87
C LEU C 8 -10.75 7.08 -0.94
N LEU C 9 -11.56 8.00 -1.46
CA LEU C 9 -12.59 8.73 -0.68
C LEU C 9 -13.67 7.75 -0.25
N GLY D 1 15.86 -3.45 -9.40
CA GLY D 1 16.93 -3.43 -8.36
C GLY D 1 17.14 -4.80 -7.72
N GLU D 2 16.57 -5.02 -6.52
CA GLU D 2 16.89 -6.14 -5.59
C GLU D 2 15.60 -6.81 -5.10
N ASP D 3 15.75 -7.85 -4.29
CA ASP D 3 14.67 -8.66 -3.67
C ASP D 3 14.56 -8.34 -2.16
N VAL D 4 13.49 -8.78 -1.52
CA VAL D 4 13.40 -8.90 -0.04
C VAL D 4 14.17 -10.15 0.37
N GLU D 5 15.21 -10.00 1.19
CA GLU D 5 16.11 -11.09 1.62
C GLU D 5 15.76 -11.48 3.05
N GLN D 6 15.37 -12.74 3.28
CA GLN D 6 15.38 -13.38 4.63
C GLN D 6 15.90 -14.82 4.53
N SER D 7 16.37 -15.37 5.66
CA SER D 7 16.82 -16.78 5.81
C SER D 7 15.66 -17.72 5.53
N LEU D 8 15.95 -18.96 5.12
CA LEU D 8 14.93 -19.98 4.78
C LEU D 8 14.54 -20.77 6.03
N PHE D 9 15.51 -20.97 6.94
N PHE D 9 15.51 -21.01 6.93
CA PHE D 9 15.40 -21.84 8.14
CA PHE D 9 15.37 -21.89 8.13
C PHE D 9 15.97 -21.11 9.36
C PHE D 9 16.00 -21.20 9.36
N LEU D 10 15.36 -21.36 10.53
CA LEU D 10 15.92 -20.98 11.87
C LEU D 10 15.38 -21.94 12.94
N SER D 11 16.27 -22.55 13.72
CA SER D 11 15.95 -23.49 14.85
C SER D 11 16.19 -22.79 16.18
N VAL D 12 15.22 -22.89 17.11
CA VAL D 12 15.21 -22.24 18.45
C VAL D 12 14.90 -23.33 19.49
N ARG D 13 15.34 -23.20 20.73
CA ARG D 13 14.80 -24.03 21.84
C ARG D 13 13.55 -23.34 22.37
N GLU D 14 12.46 -24.10 22.50
CA GLU D 14 11.26 -23.76 23.31
C GLU D 14 11.70 -22.91 24.51
N GLY D 15 11.27 -21.65 24.58
CA GLY D 15 11.47 -20.75 25.74
C GLY D 15 12.56 -19.74 25.47
N ASP D 16 13.40 -19.99 24.48
CA ASP D 16 14.44 -19.04 24.00
C ASP D 16 13.78 -17.94 23.16
N SER D 17 14.50 -16.84 22.93
CA SER D 17 14.15 -15.75 21.98
C SER D 17 14.32 -16.25 20.55
N SER D 18 13.34 -16.07 19.69
CA SER D 18 13.51 -16.13 18.21
C SER D 18 13.62 -14.71 17.64
N VAL D 19 14.69 -14.44 16.91
CA VAL D 19 14.84 -13.22 16.06
C VAL D 19 14.83 -13.66 14.61
N ILE D 20 13.89 -13.14 13.81
CA ILE D 20 13.80 -13.36 12.34
C ILE D 20 14.15 -12.04 11.67
N ASN D 21 15.16 -12.05 10.77
CA ASN D 21 15.77 -10.83 10.19
C ASN D 21 15.39 -10.72 8.71
N CYS D 22 15.36 -9.48 8.21
CA CYS D 22 14.84 -9.10 6.89
C CYS D 22 15.50 -7.80 6.44
N THR D 23 15.97 -7.78 5.20
CA THR D 23 16.38 -6.58 4.44
C THR D 23 15.34 -6.32 3.34
N TYR D 24 14.83 -5.09 3.24
CA TYR D 24 13.82 -4.70 2.23
C TYR D 24 14.48 -3.75 1.24
N THR D 25 13.77 -3.34 0.18
CA THR D 25 14.34 -2.83 -1.10
C THR D 25 14.38 -1.30 -1.09
N ASP D 26 13.33 -0.64 -0.57
CA ASP D 26 13.09 0.81 -0.78
C ASP D 26 12.88 1.49 0.58
N SER D 27 13.74 2.46 0.89
CA SER D 27 13.76 3.16 2.19
C SER D 27 12.47 4.00 2.38
N SER D 28 11.74 4.30 1.29
CA SER D 28 10.56 5.21 1.27
C SER D 28 9.28 4.46 1.63
N SER D 29 9.33 3.13 1.65
CA SER D 29 8.19 2.25 2.05
C SER D 29 7.73 2.63 3.47
N THR D 30 6.45 2.97 3.63
CA THR D 30 5.95 3.66 4.84
C THR D 30 5.55 2.63 5.88
N TYR D 31 5.45 1.38 5.48
CA TYR D 31 5.01 0.27 6.37
C TYR D 31 5.70 -1.03 5.94
N LEU D 32 5.96 -1.91 6.91
CA LEU D 32 6.54 -3.25 6.65
C LEU D 32 5.76 -4.28 7.43
N TYR D 33 5.52 -5.42 6.80
CA TYR D 33 4.59 -6.48 7.24
C TYR D 33 5.36 -7.75 7.58
N TRP D 34 4.89 -8.42 8.62
CA TRP D 34 5.19 -9.84 8.95
C TRP D 34 3.91 -10.63 8.80
N TYR D 35 3.96 -11.67 7.98
CA TYR D 35 2.89 -12.65 7.77
C TYR D 35 3.38 -14.04 8.23
N LYS D 36 2.47 -14.90 8.66
CA LYS D 36 2.81 -16.24 9.17
C LYS D 36 1.88 -17.24 8.52
N GLN D 37 2.42 -18.42 8.21
CA GLN D 37 1.71 -19.49 7.48
C GLN D 37 1.95 -20.80 8.21
N GLU D 38 0.86 -21.47 8.59
CA GLU D 38 0.88 -22.79 9.26
C GLU D 38 0.53 -23.87 8.23
N PRO D 39 0.88 -25.16 8.51
CA PRO D 39 0.52 -26.28 7.64
C PRO D 39 -0.91 -26.16 7.07
N GLY D 40 -1.02 -26.35 5.75
CA GLY D 40 -2.14 -25.86 4.94
C GLY D 40 -1.79 -24.52 4.30
N ALA D 41 -2.81 -23.73 3.95
CA ALA D 41 -2.69 -22.35 3.43
C ALA D 41 -2.89 -21.34 4.58
N GLY D 42 -3.22 -20.09 4.23
CA GLY D 42 -3.72 -19.09 5.19
C GLY D 42 -2.61 -18.16 5.67
N LEU D 43 -2.14 -17.26 4.81
CA LEU D 43 -1.27 -16.13 5.21
C LEU D 43 -2.02 -15.30 6.24
N GLN D 44 -1.51 -15.28 7.47
CA GLN D 44 -2.05 -14.48 8.59
C GLN D 44 -1.19 -13.22 8.72
N LEU D 45 -1.80 -12.04 8.63
CA LEU D 45 -1.15 -10.76 9.02
C LEU D 45 -0.88 -10.85 10.52
N LEU D 46 0.40 -10.87 10.91
CA LEU D 46 0.81 -11.11 12.32
C LEU D 46 1.07 -9.78 13.02
N THR D 47 1.89 -8.93 12.43
CA THR D 47 2.14 -7.55 12.91
C THR D 47 2.77 -6.76 11.76
N TYR D 48 2.86 -5.44 11.93
CA TYR D 48 3.28 -4.46 10.91
C TYR D 48 4.04 -3.39 11.69
N ILE D 49 4.89 -2.62 11.03
CA ILE D 49 5.45 -1.37 11.60
C ILE D 49 5.41 -0.30 10.50
N PHE D 50 5.09 0.94 10.86
CA PHE D 50 5.32 2.12 10.01
C PHE D 50 6.79 2.55 10.15
N SER D 51 7.30 3.19 9.09
CA SER D 51 8.70 3.63 8.87
C SER D 51 9.08 4.80 9.78
N ASN D 52 8.14 5.38 10.49
CA ASN D 52 8.46 6.48 11.43
C ASN D 52 8.59 5.93 12.85
N MET D 53 8.50 4.63 13.05
CA MET D 53 8.69 3.97 14.38
C MET D 53 10.00 3.17 14.38
N ASP D 54 10.81 3.27 15.46
CA ASP D 54 12.00 2.41 15.71
C ASP D 54 11.55 1.00 16.08
N MET D 55 10.48 0.93 16.85
CA MET D 55 10.07 -0.29 17.61
C MET D 55 8.55 -0.41 17.63
N LYS D 56 8.02 -1.63 17.62
CA LYS D 56 6.64 -1.92 18.07
C LYS D 56 6.58 -3.27 18.75
N GLN D 57 5.82 -3.34 19.83
CA GLN D 57 5.62 -4.56 20.64
C GLN D 57 4.13 -4.88 20.70
N ASP D 58 3.83 -6.17 20.75
CA ASP D 58 2.48 -6.76 20.67
C ASP D 58 2.59 -8.13 21.31
N GLN D 59 2.21 -8.24 22.58
CA GLN D 59 2.33 -9.45 23.41
C GLN D 59 3.73 -10.03 23.23
N ARG D 60 3.84 -11.29 22.83
CA ARG D 60 5.13 -12.02 22.83
C ARG D 60 5.99 -11.49 21.67
N LEU D 61 5.38 -10.74 20.73
CA LEU D 61 6.04 -10.20 19.49
C LEU D 61 6.70 -8.84 19.75
N THR D 62 7.85 -8.61 19.10
CA THR D 62 8.52 -7.29 18.99
C THR D 62 9.06 -7.10 17.57
N VAL D 63 8.78 -5.93 16.98
CA VAL D 63 9.29 -5.50 15.64
C VAL D 63 10.29 -4.36 15.85
N LEU D 64 11.52 -4.48 15.39
CA LEU D 64 12.49 -3.35 15.34
C LEU D 64 12.76 -2.99 13.89
N LEU D 65 12.85 -1.68 13.62
CA LEU D 65 13.05 -1.17 12.26
C LEU D 65 14.24 -0.23 12.24
N ASN D 66 15.08 -0.39 11.25
CA ASN D 66 16.13 0.58 10.89
C ASN D 66 15.93 1.00 9.44
N LYS D 67 15.38 2.21 9.25
CA LYS D 67 14.89 2.74 7.94
C LYS D 67 16.10 2.99 7.04
N LYS D 68 17.21 3.50 7.59
CA LYS D 68 18.38 3.95 6.80
C LYS D 68 19.05 2.72 6.17
N ASP D 69 19.14 1.62 6.91
CA ASP D 69 19.84 0.37 6.49
C ASP D 69 18.82 -0.65 5.98
N LYS D 70 17.53 -0.37 6.15
CA LYS D 70 16.43 -1.20 5.58
C LYS D 70 16.45 -2.58 6.26
N HIS D 71 16.71 -2.61 7.55
CA HIS D 71 16.70 -3.84 8.37
C HIS D 71 15.39 -3.86 9.16
N LEU D 72 14.67 -4.97 9.08
CA LEU D 72 13.45 -5.30 9.85
C LEU D 72 13.68 -6.65 10.59
N SER D 73 13.22 -6.77 11.82
CA SER D 73 13.38 -8.02 12.59
C SER D 73 12.14 -8.25 13.44
N LEU D 74 11.58 -9.46 13.35
CA LEU D 74 10.58 -9.98 14.30
C LEU D 74 11.31 -10.68 15.43
N ARG D 75 11.09 -10.24 16.67
CA ARG D 75 11.61 -10.92 17.88
C ARG D 75 10.42 -11.50 18.65
N ILE D 76 10.50 -12.79 18.98
CA ILE D 76 9.48 -13.55 19.75
C ILE D 76 10.05 -13.91 21.12
N ALA D 77 9.33 -13.55 22.16
CA ALA D 77 9.77 -13.51 23.57
C ALA D 77 10.04 -14.92 24.10
N ASP D 78 9.09 -15.83 23.91
CA ASP D 78 8.97 -17.01 24.79
C ASP D 78 8.62 -18.22 23.96
N THR D 79 9.40 -18.49 22.93
CA THR D 79 8.98 -19.34 21.78
C THR D 79 8.32 -20.62 22.30
N GLN D 80 7.08 -20.87 21.87
CA GLN D 80 6.37 -22.14 22.14
C GLN D 80 6.52 -23.07 20.95
N THR D 81 6.21 -24.35 21.08
CA THR D 81 6.14 -25.28 19.93
C THR D 81 5.05 -24.80 18.97
N GLY D 82 3.99 -24.17 19.51
CA GLY D 82 2.88 -23.61 18.73
C GLY D 82 3.29 -22.49 17.81
N ASP D 83 4.45 -21.87 18.00
CA ASP D 83 4.91 -20.75 17.16
C ASP D 83 5.58 -21.25 15.87
N SER D 84 5.79 -22.56 15.74
CA SER D 84 6.39 -23.17 14.51
C SER D 84 5.53 -22.86 13.30
N ALA D 85 6.12 -22.19 12.33
CA ALA D 85 5.44 -21.80 11.06
C ALA D 85 6.46 -21.17 10.13
N ILE D 86 6.02 -20.74 8.95
CA ILE D 86 6.80 -19.89 8.02
C ILE D 86 6.40 -18.42 8.28
N TYR D 87 7.40 -17.58 8.55
CA TYR D 87 7.28 -16.10 8.69
C TYR D 87 7.82 -15.40 7.42
N PHE D 88 6.99 -14.63 6.72
CA PHE D 88 7.39 -13.78 5.58
C PHE D 88 7.38 -12.32 6.02
N CYS D 89 8.47 -11.57 5.76
CA CYS D 89 8.45 -10.08 5.71
C CYS D 89 8.07 -9.65 4.33
N ALA D 90 7.21 -8.62 4.26
CA ALA D 90 6.52 -8.13 3.05
C ALA D 90 6.63 -6.62 3.02
N GLU D 91 6.88 -6.07 1.84
CA GLU D 91 7.11 -4.63 1.62
C GLU D 91 6.22 -4.20 0.46
N PRO D 92 5.59 -3.02 0.57
CA PRO D 92 4.90 -2.44 -0.58
C PRO D 92 5.91 -2.16 -1.68
N SER D 93 5.52 -2.42 -2.91
CA SER D 93 6.33 -2.19 -4.12
C SER D 93 5.58 -1.23 -5.04
N GLY D 94 6.28 -0.20 -5.50
CA GLY D 94 5.73 0.83 -6.40
C GLY D 94 4.60 1.58 -5.74
N ASN D 95 3.58 1.90 -6.52
CA ASN D 95 2.72 3.07 -6.26
C ASN D 95 1.29 2.59 -6.07
N THR D 96 1.09 1.29 -6.04
CA THR D 96 0.03 0.74 -5.19
C THR D 96 0.70 0.22 -3.91
N GLY D 97 -0.02 -0.63 -3.20
CA GLY D 97 0.53 -1.38 -2.07
C GLY D 97 0.49 -2.85 -2.36
N LYS D 98 0.72 -3.24 -3.62
CA LYS D 98 1.10 -4.63 -3.96
C LYS D 98 2.32 -4.96 -3.09
N LEU D 99 2.36 -6.16 -2.53
CA LEU D 99 3.46 -6.62 -1.65
C LEU D 99 4.47 -7.41 -2.48
N ILE D 100 5.76 -7.21 -2.19
CA ILE D 100 6.81 -8.23 -2.49
C ILE D 100 7.18 -8.89 -1.18
N PHE D 101 7.42 -10.19 -1.24
CA PHE D 101 7.63 -11.07 -0.07
C PHE D 101 9.06 -11.58 -0.08
N GLY D 102 9.66 -11.65 1.11
CA GLY D 102 10.77 -12.56 1.39
C GLY D 102 10.39 -14.01 1.07
N GLN D 103 11.39 -14.88 0.96
CA GLN D 103 11.20 -16.29 0.55
C GLN D 103 10.60 -17.11 1.71
N GLY D 104 10.51 -16.52 2.91
CA GLY D 104 9.93 -17.18 4.10
C GLY D 104 11.01 -17.80 4.97
N THR D 105 10.98 -17.49 6.28
CA THR D 105 11.81 -18.14 7.30
C THR D 105 10.95 -19.20 7.99
N THR D 106 11.18 -20.47 7.69
CA THR D 106 10.58 -21.59 8.43
C THR D 106 11.17 -21.62 9.83
N LEU D 107 10.30 -21.55 10.85
CA LEU D 107 10.71 -21.54 12.27
C LEU D 107 10.46 -22.93 12.89
N GLN D 108 11.54 -23.56 13.35
CA GLN D 108 11.51 -24.89 14.01
C GLN D 108 11.80 -24.70 15.49
N VAL D 109 10.86 -25.13 16.33
CA VAL D 109 10.95 -25.00 17.80
C VAL D 109 11.14 -26.39 18.38
N LYS D 110 12.28 -26.60 19.00
CA LYS D 110 12.72 -27.88 19.62
C LYS D 110 12.22 -27.92 21.06
N PRO D 111 11.44 -28.95 21.44
CA PRO D 111 11.14 -29.22 22.85
C PRO D 111 12.41 -29.35 23.70
N ILE D 112 12.35 -28.90 24.96
CA ILE D 112 13.46 -28.98 25.97
C ILE D 112 13.24 -30.23 26.86
N GLN D 113 12.35 -31.13 26.45
CA GLN D 113 11.95 -32.36 27.19
C GLN D 113 13.07 -33.41 27.13
N ASN D 114 13.40 -33.96 28.29
CA ASN D 114 14.45 -34.99 28.46
C ASN D 114 14.09 -36.20 27.62
N PRO D 115 15.03 -36.71 26.80
CA PRO D 115 14.74 -37.83 25.90
C PRO D 115 14.74 -39.19 26.61
N ASP D 116 13.74 -40.00 26.27
CA ASP D 116 13.68 -41.46 26.53
C ASP D 116 13.51 -42.19 25.19
N PRO D 117 14.55 -42.25 24.31
CA PRO D 117 14.40 -42.70 22.93
C PRO D 117 14.11 -44.20 22.80
N ALA D 118 13.17 -44.57 21.94
CA ALA D 118 12.69 -45.95 21.76
C ALA D 118 12.06 -46.13 20.37
N VAL D 119 12.31 -47.28 19.75
CA VAL D 119 11.65 -47.68 18.48
C VAL D 119 10.58 -48.71 18.85
N TYR D 120 9.33 -48.53 18.42
CA TYR D 120 8.21 -49.46 18.73
C TYR D 120 7.59 -49.99 17.43
N GLN D 121 7.10 -51.22 17.42
CA GLN D 121 6.29 -51.76 16.29
C GLN D 121 4.78 -51.73 16.63
N LEU D 122 3.97 -51.29 15.67
CA LEU D 122 2.48 -51.17 15.74
C LEU D 122 1.88 -52.08 14.65
N ARG D 123 0.78 -52.78 14.94
CA ARG D 123 0.10 -53.70 13.98
C ARG D 123 -1.17 -53.07 13.45
N ASP D 124 -1.50 -53.30 12.18
CA ASP D 124 -2.74 -52.77 11.58
C ASP D 124 -3.91 -53.17 12.47
N SER D 125 -4.85 -52.26 12.69
CA SER D 125 -6.09 -52.49 13.48
C SER D 125 -6.94 -53.57 12.82
N LYS D 126 -7.13 -53.51 11.49
CA LYS D 126 -7.81 -54.56 10.69
C LYS D 126 -6.82 -55.72 10.49
N SER D 127 -7.20 -56.92 10.97
CA SER D 127 -6.27 -58.02 11.36
C SER D 127 -5.31 -58.34 10.21
N SER D 128 -4.29 -57.49 10.01
CA SER D 128 -3.30 -57.60 8.90
C SER D 128 -1.94 -58.07 9.45
N ASP D 129 -1.07 -58.53 8.55
CA ASP D 129 0.39 -58.77 8.80
C ASP D 129 1.16 -57.47 8.54
N LYS D 130 0.42 -56.34 8.43
CA LYS D 130 0.94 -55.01 8.00
C LYS D 130 1.38 -54.21 9.24
N SER D 131 2.62 -53.70 9.20
CA SER D 131 3.35 -53.10 10.35
C SER D 131 3.87 -51.71 9.97
N VAL D 132 3.87 -50.80 10.93
CA VAL D 132 4.71 -49.56 10.90
C VAL D 132 5.59 -49.51 12.16
N CYS D 133 6.73 -48.80 12.05
CA CYS D 133 7.70 -48.57 13.13
C CYS D 133 7.54 -47.15 13.63
N LEU D 134 7.76 -46.92 14.92
CA LEU D 134 7.63 -45.59 15.55
C LEU D 134 8.91 -45.30 16.34
N PHE D 135 9.65 -44.29 15.89
CA PHE D 135 10.82 -43.67 16.57
C PHE D 135 10.32 -42.43 17.30
N THR D 136 10.20 -42.52 18.62
CA THR D 136 9.55 -41.50 19.48
C THR D 136 10.46 -41.19 20.66
N ASP D 137 10.25 -40.03 21.28
CA ASP D 137 10.78 -39.64 22.62
C ASP D 137 12.28 -39.41 22.51
N PHE D 138 12.75 -39.23 21.28
CA PHE D 138 14.19 -39.06 21.00
C PHE D 138 14.53 -37.59 21.17
N ASP D 139 15.80 -37.29 21.15
CA ASP D 139 16.34 -35.93 21.40
C ASP D 139 16.05 -35.05 20.18
N SER D 140 15.62 -33.82 20.45
CA SER D 140 15.35 -32.74 19.48
C SER D 140 16.55 -32.49 18.56
N GLN D 141 17.77 -32.81 18.99
CA GLN D 141 19.02 -32.57 18.20
C GLN D 141 19.30 -33.76 17.29
N THR D 142 18.35 -34.68 17.13
CA THR D 142 18.57 -35.95 16.39
C THR D 142 18.45 -35.70 14.89
N ASN D 143 19.50 -36.11 14.15
CA ASN D 143 19.60 -36.06 12.67
C ASN D 143 18.84 -37.26 12.08
N VAL D 144 17.49 -37.25 12.16
CA VAL D 144 16.58 -38.32 11.62
C VAL D 144 16.58 -38.27 10.08
N SER D 145 17.52 -38.97 9.44
CA SER D 145 17.63 -39.10 7.97
C SER D 145 16.43 -39.91 7.43
N GLN D 146 15.99 -39.60 6.19
CA GLN D 146 15.02 -40.40 5.40
C GLN D 146 15.77 -41.54 4.70
N SER D 147 17.10 -41.55 4.80
CA SER D 147 18.01 -42.51 4.13
C SER D 147 17.39 -43.91 4.17
N LYS D 148 17.63 -44.72 3.14
CA LYS D 148 16.80 -45.90 2.83
C LYS D 148 17.35 -46.65 1.58
N ASP D 149 16.77 -47.81 1.28
CA ASP D 149 16.50 -48.31 -0.10
C ASP D 149 15.07 -47.87 -0.48
N SER D 150 14.75 -47.80 -1.76
CA SER D 150 13.54 -47.11 -2.30
C SER D 150 12.23 -47.81 -1.88
N ASP D 151 12.31 -48.99 -1.23
CA ASP D 151 11.14 -49.77 -0.71
C ASP D 151 10.73 -49.30 0.70
N VAL D 152 11.47 -48.37 1.30
CA VAL D 152 11.38 -48.01 2.75
C VAL D 152 11.12 -46.51 2.86
N TYR D 153 9.94 -46.17 3.38
CA TYR D 153 9.48 -44.77 3.59
C TYR D 153 9.66 -44.40 5.07
N ILE D 154 10.45 -43.35 5.32
CA ILE D 154 10.67 -42.75 6.67
C ILE D 154 10.17 -41.29 6.66
N THR D 155 9.23 -40.96 7.55
CA THR D 155 8.68 -39.58 7.66
C THR D 155 9.70 -38.70 8.37
N ASP D 156 9.52 -37.39 8.33
CA ASP D 156 10.35 -36.44 9.11
C ASP D 156 9.80 -36.40 10.54
N LYS D 157 10.59 -35.92 11.48
CA LYS D 157 10.19 -35.84 12.90
C LYS D 157 9.09 -34.82 13.00
N CYS D 158 8.20 -34.96 13.95
CA CYS D 158 7.22 -33.92 14.28
C CYS D 158 6.91 -33.98 15.77
N VAL D 159 6.68 -32.78 16.31
CA VAL D 159 6.46 -32.48 17.75
C VAL D 159 4.97 -32.56 18.07
N LEU D 160 4.71 -33.10 19.23
CA LEU D 160 3.41 -33.58 19.67
C LEU D 160 3.29 -33.19 21.15
N ASP D 161 2.24 -32.45 21.49
CA ASP D 161 2.02 -31.82 22.82
C ASP D 161 0.87 -32.57 23.48
N MET D 162 1.15 -33.31 24.54
CA MET D 162 0.12 -33.84 25.47
C MET D 162 -0.05 -32.83 26.62
N ARG D 163 -1.02 -31.92 26.50
CA ARG D 163 -1.13 -30.70 27.35
C ARG D 163 -1.39 -31.09 28.79
N SER D 164 -2.22 -32.10 29.01
CA SER D 164 -2.66 -32.50 30.37
C SER D 164 -1.45 -32.95 31.18
N MET D 165 -0.44 -33.57 30.56
CA MET D 165 0.81 -34.02 31.26
C MET D 165 2.01 -33.09 30.96
N ASP D 166 1.78 -31.95 30.31
CA ASP D 166 2.80 -30.91 29.97
C ASP D 166 4.00 -31.59 29.33
N PHE D 167 3.77 -32.50 28.40
CA PHE D 167 4.75 -33.47 27.84
C PHE D 167 4.81 -33.33 26.31
N LYS D 168 5.95 -32.89 25.79
CA LYS D 168 6.21 -32.76 24.34
C LYS D 168 7.18 -33.86 23.93
N SER D 169 6.94 -34.50 22.79
CA SER D 169 7.78 -35.60 22.28
C SER D 169 8.00 -35.46 20.76
N ASN D 170 9.20 -35.74 20.32
CA ASN D 170 9.58 -35.95 18.90
C ASN D 170 9.26 -37.38 18.48
N SER D 171 8.62 -37.58 17.34
CA SER D 171 8.42 -38.94 16.72
C SER D 171 8.62 -38.91 15.20
N ALA D 172 8.99 -40.06 14.64
CA ALA D 172 9.02 -40.34 13.20
C ALA D 172 8.48 -41.76 12.94
N VAL D 173 7.82 -41.91 11.81
CA VAL D 173 7.23 -43.19 11.35
C VAL D 173 8.04 -43.71 10.16
N ALA D 174 8.23 -45.03 10.09
CA ALA D 174 8.78 -45.75 8.94
C ALA D 174 7.86 -46.93 8.63
N TRP D 175 7.69 -47.23 7.35
CA TRP D 175 7.04 -48.48 6.88
C TRP D 175 7.68 -48.93 5.57
N SER D 176 7.46 -50.20 5.23
CA SER D 176 7.87 -50.83 3.95
C SER D 176 6.94 -52.01 3.65
N ASN D 177 6.93 -52.50 2.42
CA ASN D 177 6.11 -53.67 2.03
C ASN D 177 6.94 -54.95 2.07
N LYS D 178 8.25 -54.81 2.33
CA LYS D 178 9.26 -55.91 2.26
C LYS D 178 8.91 -57.05 3.24
N SER D 179 8.94 -58.30 2.76
CA SER D 179 9.10 -59.54 3.57
C SER D 179 10.25 -59.37 4.59
N ASP D 180 11.28 -58.57 4.23
CA ASP D 180 12.64 -58.51 4.84
C ASP D 180 12.68 -57.57 6.08
N PHE D 181 11.74 -56.62 6.20
CA PHE D 181 11.90 -55.30 6.88
C PHE D 181 11.73 -55.41 8.40
N ALA D 182 12.77 -55.00 9.14
CA ALA D 182 12.85 -55.02 10.63
C ALA D 182 12.86 -53.58 11.18
N CYS D 183 11.95 -53.29 12.11
CA CYS D 183 11.90 -52.03 12.90
C CYS D 183 13.23 -51.77 13.59
N ALA D 184 13.91 -52.84 14.02
CA ALA D 184 15.20 -52.79 14.74
C ALA D 184 16.13 -51.76 14.06
N ASN D 185 16.42 -51.95 12.77
CA ASN D 185 17.49 -51.21 12.02
C ASN D 185 16.88 -50.00 11.28
N ALA D 186 15.54 -49.99 11.09
CA ALA D 186 14.78 -49.03 10.23
C ALA D 186 15.32 -47.59 10.36
N PHE D 187 15.62 -47.13 11.58
CA PHE D 187 15.96 -45.71 11.86
C PHE D 187 17.46 -45.48 11.87
N ASN D 188 17.84 -44.24 11.59
CA ASN D 188 19.17 -43.85 11.07
C ASN D 188 19.56 -42.50 11.70
N ASN D 189 19.01 -42.20 12.88
CA ASN D 189 19.45 -41.05 13.70
C ASN D 189 20.97 -40.89 13.53
N SER D 190 21.45 -39.64 13.49
CA SER D 190 22.88 -39.26 13.44
C SER D 190 23.16 -38.20 14.52
N ILE D 191 22.57 -38.39 15.71
CA ILE D 191 22.39 -37.39 16.82
C ILE D 191 23.67 -36.57 17.01
N ILE D 192 23.54 -35.23 17.10
CA ILE D 192 24.63 -34.25 17.44
C ILE D 192 24.17 -33.43 18.66
N THR E 1 -15.89 -12.69 8.03
CA THR E 1 -14.91 -11.70 8.61
C THR E 1 -13.75 -11.46 7.61
N GLY E 2 -13.22 -12.53 6.99
CA GLY E 2 -12.02 -12.47 6.13
C GLY E 2 -12.34 -12.54 4.64
N VAL E 3 -11.31 -12.72 3.80
CA VAL E 3 -11.46 -12.90 2.32
C VAL E 3 -11.85 -14.35 2.08
N SER E 4 -12.58 -14.60 1.00
CA SER E 4 -13.21 -15.91 0.68
C SER E 4 -12.84 -16.30 -0.77
N GLN E 5 -12.60 -17.58 -1.07
CA GLN E 5 -12.16 -18.04 -2.42
C GLN E 5 -12.86 -19.34 -2.77
N ASP E 6 -13.15 -19.55 -4.06
CA ASP E 6 -13.88 -20.75 -4.57
C ASP E 6 -13.21 -21.19 -5.88
N PRO E 7 -12.91 -22.48 -6.05
CA PRO E 7 -12.98 -23.45 -4.96
C PRO E 7 -11.66 -23.44 -4.16
N ARG E 8 -11.63 -24.11 -3.01
CA ARG E 8 -10.44 -24.19 -2.12
C ARG E 8 -9.33 -24.97 -2.84
N HIS E 9 -9.74 -25.92 -3.66
CA HIS E 9 -8.87 -26.89 -4.39
C HIS E 9 -9.48 -27.12 -5.77
N LYS E 10 -8.71 -26.96 -6.84
CA LYS E 10 -9.14 -27.38 -8.19
C LYS E 10 -8.07 -28.29 -8.79
N ILE E 11 -8.51 -29.31 -9.49
CA ILE E 11 -7.64 -30.17 -10.33
C ILE E 11 -8.29 -30.26 -11.71
N THR E 12 -7.70 -29.59 -12.72
CA THR E 12 -8.14 -29.68 -14.14
C THR E 12 -7.20 -30.59 -14.91
N LYS E 13 -7.58 -30.94 -16.15
CA LYS E 13 -6.70 -31.61 -17.13
C LYS E 13 -5.85 -30.54 -17.83
N ARG E 14 -4.61 -30.88 -18.15
CA ARG E 14 -3.67 -30.01 -18.89
C ARG E 14 -4.31 -29.66 -20.23
N GLY E 15 -4.23 -28.39 -20.62
CA GLY E 15 -4.78 -27.87 -21.89
C GLY E 15 -6.24 -27.45 -21.76
N GLN E 16 -6.86 -27.64 -20.60
CA GLN E 16 -8.25 -27.18 -20.32
C GLN E 16 -8.22 -25.79 -19.66
N ASN E 17 -9.36 -25.09 -19.70
CA ASN E 17 -9.55 -23.74 -19.08
C ASN E 17 -9.96 -23.92 -17.61
N VAL E 18 -9.64 -22.98 -16.76
CA VAL E 18 -10.06 -23.04 -15.33
C VAL E 18 -10.32 -21.61 -14.82
N THR E 19 -11.26 -21.50 -13.86
CA THR E 19 -11.77 -20.21 -13.30
C THR E 19 -11.87 -20.32 -11.77
N PHE E 20 -11.21 -19.41 -11.06
CA PHE E 20 -11.36 -19.18 -9.60
C PHE E 20 -12.07 -17.88 -9.35
N ARG E 21 -12.89 -17.86 -8.31
CA ARG E 21 -13.52 -16.63 -7.77
C ARG E 21 -12.78 -16.22 -6.50
N CYS E 22 -12.69 -14.92 -6.30
CA CYS E 22 -12.31 -14.31 -5.03
C CYS E 22 -13.41 -13.35 -4.58
N ASP E 23 -13.82 -13.42 -3.32
CA ASP E 23 -14.81 -12.48 -2.72
C ASP E 23 -14.13 -11.68 -1.60
N PRO E 24 -13.77 -10.40 -1.82
CA PRO E 24 -12.99 -9.64 -0.85
C PRO E 24 -13.83 -9.29 0.39
N ILE E 25 -13.19 -8.81 1.44
CA ILE E 25 -13.94 -8.29 2.61
C ILE E 25 -14.82 -7.14 2.13
N SER E 26 -16.06 -7.10 2.63
CA SER E 26 -17.15 -6.15 2.23
C SER E 26 -16.58 -4.73 2.11
N GLU E 27 -16.68 -4.13 0.92
CA GLU E 27 -16.44 -2.67 0.63
C GLU E 27 -14.93 -2.37 0.60
N HIS E 28 -14.10 -3.39 0.49
CA HIS E 28 -12.64 -3.24 0.26
C HIS E 28 -12.45 -2.91 -1.23
N ASN E 29 -11.92 -1.73 -1.52
CA ASN E 29 -11.76 -1.20 -2.90
C ASN E 29 -10.57 -1.87 -3.60
N ARG E 30 -9.56 -2.30 -2.84
CA ARG E 30 -8.27 -2.77 -3.42
C ARG E 30 -8.21 -4.31 -3.37
N LEU E 31 -7.95 -4.93 -4.52
CA LEU E 31 -7.89 -6.40 -4.64
C LEU E 31 -6.63 -6.78 -5.37
N TYR E 32 -5.85 -7.68 -4.78
CA TYR E 32 -4.57 -8.19 -5.32
C TYR E 32 -4.65 -9.71 -5.52
N TRP E 33 -4.25 -10.21 -6.70
CA TRP E 33 -3.97 -11.66 -6.94
C TRP E 33 -2.47 -11.91 -6.87
N TYR E 34 -2.08 -12.94 -6.13
CA TYR E 34 -0.70 -13.43 -5.98
C TYR E 34 -0.68 -14.93 -6.34
N ARG E 35 0.50 -15.43 -6.69
CA ARG E 35 0.81 -16.85 -6.93
C ARG E 35 1.81 -17.32 -5.87
N GLN E 36 1.56 -18.43 -5.19
CA GLN E 36 2.54 -19.02 -4.25
C GLN E 36 2.82 -20.46 -4.67
N THR E 37 4.10 -20.77 -4.75
CA THR E 37 4.65 -22.12 -4.90
C THR E 37 5.18 -22.56 -3.55
N LEU E 38 5.01 -23.83 -3.18
CA LEU E 38 5.59 -24.43 -1.94
C LEU E 38 7.07 -24.02 -1.84
N GLY E 39 7.46 -23.42 -0.72
CA GLY E 39 8.87 -23.08 -0.42
C GLY E 39 9.22 -21.62 -0.75
N GLN E 40 8.23 -20.78 -1.18
CA GLN E 40 8.48 -19.42 -1.72
C GLN E 40 7.47 -18.38 -1.22
N GLY E 41 7.88 -17.12 -1.19
CA GLY E 41 6.99 -15.99 -0.95
C GLY E 41 6.04 -15.82 -2.10
N PRO E 42 4.80 -15.35 -1.85
CA PRO E 42 3.85 -15.11 -2.93
C PRO E 42 4.35 -14.07 -3.94
N GLU E 43 3.89 -14.16 -5.18
CA GLU E 43 4.34 -13.29 -6.29
C GLU E 43 3.13 -12.59 -6.86
N PHE E 44 3.18 -11.27 -6.90
CA PHE E 44 2.12 -10.39 -7.46
C PHE E 44 1.67 -10.92 -8.84
N LEU E 45 0.36 -11.03 -9.06
CA LEU E 45 -0.26 -11.25 -10.41
C LEU E 45 -0.96 -9.98 -10.90
N THR E 46 -1.93 -9.42 -10.17
CA THR E 46 -2.67 -8.22 -10.66
C THR E 46 -3.36 -7.49 -9.50
N TYR E 47 -3.73 -6.22 -9.78
CA TYR E 47 -4.30 -5.20 -8.86
C TYR E 47 -5.55 -4.61 -9.49
N PHE E 48 -6.67 -4.67 -8.78
CA PHE E 48 -7.93 -3.95 -9.09
C PHE E 48 -8.17 -2.86 -8.04
N GLN E 49 -8.48 -1.65 -8.51
CA GLN E 49 -8.96 -0.51 -7.70
C GLN E 49 -10.42 -0.26 -8.09
N ASN E 50 -11.36 -0.78 -7.29
CA ASN E 50 -12.74 -1.10 -7.74
C ASN E 50 -12.62 -1.84 -9.08
N GLU E 51 -13.39 -1.42 -10.09
CA GLU E 51 -13.46 -2.06 -11.43
C GLU E 51 -12.08 -2.08 -12.09
N ALA E 52 -11.33 -1.00 -12.00
CA ALA E 52 -10.15 -0.72 -12.85
C ALA E 52 -9.02 -1.69 -12.50
N GLN E 53 -8.48 -2.38 -13.51
CA GLN E 53 -7.26 -3.20 -13.38
C GLN E 53 -6.03 -2.32 -13.66
N LEU E 54 -5.35 -1.86 -12.63
CA LEU E 54 -4.44 -0.68 -12.74
C LEU E 54 -3.00 -1.14 -12.97
N GLU E 55 -2.67 -2.33 -12.52
CA GLU E 55 -1.28 -2.86 -12.58
C GLU E 55 -1.37 -4.39 -12.63
N LYS E 56 -0.58 -4.95 -13.54
CA LYS E 56 -0.55 -6.36 -13.95
C LYS E 56 0.94 -6.73 -14.11
N SER E 57 1.36 -7.88 -13.59
CA SER E 57 2.75 -8.41 -13.67
C SER E 57 3.03 -8.98 -15.06
N ARG E 58 4.30 -9.01 -15.50
CA ARG E 58 4.76 -9.69 -16.75
C ARG E 58 4.91 -11.21 -16.51
N LEU E 59 4.59 -11.69 -15.31
CA LEU E 59 4.49 -13.14 -14.94
C LEU E 59 3.16 -13.72 -15.50
N LEU E 60 2.27 -12.86 -16.00
CA LEU E 60 1.00 -13.26 -16.67
C LEU E 60 1.29 -13.49 -18.15
N SER E 61 1.14 -14.73 -18.61
CA SER E 61 0.94 -15.03 -20.04
C SER E 61 -0.43 -14.47 -20.46
N ASP E 62 -0.57 -14.17 -21.75
CA ASP E 62 -1.85 -13.87 -22.43
C ASP E 62 -2.96 -14.79 -21.89
N ARG E 63 -2.61 -16.03 -21.51
CA ARG E 63 -3.56 -17.07 -21.04
C ARG E 63 -4.27 -16.59 -19.76
N PHE E 64 -3.59 -15.79 -18.94
CA PHE E 64 -4.11 -15.30 -17.63
C PHE E 64 -4.92 -14.01 -17.84
N SER E 65 -6.10 -13.98 -17.24
CA SER E 65 -7.18 -13.03 -17.56
C SER E 65 -8.05 -12.84 -16.34
N ALA E 66 -7.86 -11.73 -15.62
CA ALA E 66 -8.61 -11.41 -14.39
C ALA E 66 -9.65 -10.33 -14.67
N GLU E 67 -10.80 -10.44 -14.00
CA GLU E 67 -11.93 -9.48 -14.10
C GLU E 67 -12.37 -9.11 -12.70
N ARG E 68 -12.98 -7.93 -12.57
CA ARG E 68 -13.72 -7.54 -11.36
C ARG E 68 -14.93 -6.72 -11.80
N PRO E 69 -15.86 -7.38 -12.50
CA PRO E 69 -16.80 -6.68 -13.37
C PRO E 69 -17.55 -5.53 -12.67
N LYS E 70 -17.82 -5.69 -11.37
CA LYS E 70 -18.67 -4.78 -10.55
C LYS E 70 -17.88 -4.20 -9.38
N GLY E 71 -16.55 -4.34 -9.38
CA GLY E 71 -15.67 -3.85 -8.29
C GLY E 71 -15.88 -4.62 -7.00
N SER E 72 -16.40 -5.83 -7.14
CA SER E 72 -16.93 -6.69 -6.05
C SER E 72 -16.04 -7.93 -5.97
N PHE E 73 -16.58 -9.08 -6.34
CA PHE E 73 -15.85 -10.35 -6.50
C PHE E 73 -14.97 -10.25 -7.74
N SER E 74 -13.80 -10.87 -7.70
CA SER E 74 -12.90 -10.99 -8.86
C SER E 74 -12.87 -12.44 -9.30
N THR E 75 -12.68 -12.66 -10.60
CA THR E 75 -12.39 -13.99 -11.20
C THR E 75 -11.03 -13.93 -11.85
N LEU E 76 -10.26 -15.01 -11.75
CA LEU E 76 -9.06 -15.27 -12.57
C LEU E 76 -9.31 -16.49 -13.47
N GLU E 77 -9.01 -16.34 -14.77
CA GLU E 77 -9.14 -17.36 -15.84
C GLU E 77 -7.72 -17.75 -16.32
N ILE E 78 -7.41 -19.05 -16.35
CA ILE E 78 -6.25 -19.60 -17.10
C ILE E 78 -6.81 -20.44 -18.25
N GLN E 79 -6.45 -20.07 -19.48
CA GLN E 79 -6.77 -20.84 -20.70
C GLN E 79 -5.65 -21.84 -20.94
N ARG E 80 -5.95 -22.96 -21.59
CA ARG E 80 -4.95 -24.00 -21.94
C ARG E 80 -3.97 -24.16 -20.76
N THR E 81 -4.46 -24.64 -19.63
CA THR E 81 -3.64 -24.89 -18.41
C THR E 81 -2.45 -25.79 -18.76
N GLU E 82 -1.30 -25.51 -18.15
CA GLU E 82 -0.03 -26.27 -18.33
C GLU E 82 0.39 -26.78 -16.95
N GLN E 83 1.34 -27.72 -16.90
CA GLN E 83 1.83 -28.32 -15.63
C GLN E 83 2.36 -27.19 -14.73
N GLY E 84 3.12 -26.25 -15.30
CA GLY E 84 3.80 -25.13 -14.59
C GLY E 84 2.83 -24.16 -13.92
N ASP E 85 1.54 -24.25 -14.22
CA ASP E 85 0.51 -23.38 -13.61
C ASP E 85 0.06 -23.94 -12.25
N SER E 86 0.45 -25.18 -11.91
CA SER E 86 0.24 -25.78 -10.56
C SER E 86 0.79 -24.82 -9.50
N ALA E 87 -0.07 -24.34 -8.59
CA ALA E 87 0.30 -23.39 -7.53
C ALA E 87 -0.91 -23.08 -6.63
N MET E 88 -0.64 -22.34 -5.55
CA MET E 88 -1.64 -21.64 -4.74
C MET E 88 -1.93 -20.27 -5.39
N TYR E 89 -3.19 -19.99 -5.68
CA TYR E 89 -3.65 -18.68 -6.19
C TYR E 89 -4.28 -17.95 -5.00
N LEU E 90 -3.61 -16.90 -4.52
CA LEU E 90 -3.99 -16.10 -3.34
C LEU E 90 -4.70 -14.83 -3.80
N CYS E 91 -5.77 -14.51 -3.12
CA CYS E 91 -6.50 -13.23 -3.21
C CYS E 91 -6.32 -12.50 -1.87
N ALA E 92 -6.20 -11.18 -1.90
CA ALA E 92 -6.09 -10.30 -0.73
C ALA E 92 -6.88 -9.00 -0.98
N SER E 93 -7.45 -8.39 0.05
CA SER E 93 -8.18 -7.09 -0.08
C SER E 93 -7.68 -6.11 0.98
N SER E 94 -7.74 -4.82 0.70
CA SER E 94 -7.45 -3.75 1.68
C SER E 94 -8.33 -2.54 1.37
N LEU E 95 -8.55 -1.72 2.39
CA LEU E 95 -9.25 -0.43 2.25
C LEU E 95 -8.24 0.62 1.80
N HIS E 96 -7.02 0.48 2.27
CA HIS E 96 -5.87 1.34 1.91
C HIS E 96 -4.62 0.47 1.72
N HIS E 97 -3.99 0.07 2.82
CA HIS E 97 -2.60 -0.47 2.86
C HIS E 97 -2.53 -1.83 3.58
N GLU E 98 -3.46 -2.16 4.47
CA GLU E 98 -3.48 -3.44 5.25
C GLU E 98 -4.10 -4.53 4.39
N GLN E 99 -3.31 -5.46 3.84
CA GLN E 99 -3.82 -6.53 2.96
C GLN E 99 -4.16 -7.76 3.80
N TYR E 100 -5.38 -8.24 3.64
CA TYR E 100 -5.89 -9.47 4.26
C TYR E 100 -6.06 -10.51 3.15
N PHE E 101 -5.57 -11.72 3.41
CA PHE E 101 -5.45 -12.83 2.42
C PHE E 101 -6.57 -13.83 2.63
N GLY E 102 -6.95 -14.56 1.57
CA GLY E 102 -7.90 -15.69 1.60
C GLY E 102 -7.19 -17.02 1.82
N PRO E 103 -7.94 -18.14 1.91
CA PRO E 103 -7.36 -19.47 2.09
C PRO E 103 -6.72 -20.03 0.82
N GLY E 104 -6.74 -19.24 -0.25
CA GLY E 104 -6.14 -19.58 -1.54
C GLY E 104 -6.98 -20.58 -2.32
N THR E 105 -6.64 -20.75 -3.59
CA THR E 105 -7.08 -21.87 -4.44
C THR E 105 -5.85 -22.67 -4.83
N ARG E 106 -5.72 -23.90 -4.32
CA ARG E 106 -4.62 -24.83 -4.70
C ARG E 106 -4.99 -25.49 -6.01
N LEU E 107 -4.27 -25.13 -7.08
CA LEU E 107 -4.47 -25.70 -8.43
C LEU E 107 -3.41 -26.80 -8.69
N THR E 108 -3.88 -27.93 -9.20
CA THR E 108 -3.02 -28.99 -9.77
C THR E 108 -3.51 -29.29 -11.18
N VAL E 109 -2.61 -29.13 -12.13
CA VAL E 109 -2.77 -29.54 -13.55
C VAL E 109 -2.04 -30.87 -13.69
N THR E 110 -2.76 -31.92 -14.04
CA THR E 110 -2.18 -33.25 -14.33
C THR E 110 -2.54 -33.62 -15.76
N GLU E 111 -1.76 -34.53 -16.36
CA GLU E 111 -1.85 -34.92 -17.79
C GLU E 111 -3.20 -35.62 -18.05
N ASP E 112 -3.74 -36.31 -17.05
CA ASP E 112 -4.94 -37.16 -17.21
C ASP E 112 -5.59 -37.33 -15.84
N LEU E 113 -6.92 -37.37 -15.78
CA LEU E 113 -7.69 -37.41 -14.51
C LEU E 113 -7.56 -38.80 -13.85
N LYS E 114 -7.17 -39.82 -14.62
CA LYS E 114 -6.94 -41.21 -14.12
C LYS E 114 -5.68 -41.30 -13.23
N ASN E 115 -4.88 -40.21 -13.18
CA ASN E 115 -3.71 -40.04 -12.26
C ASN E 115 -4.18 -39.74 -10.84
N VAL E 116 -5.49 -39.50 -10.67
CA VAL E 116 -6.11 -39.01 -9.42
C VAL E 116 -6.67 -40.19 -8.62
N PHE E 117 -6.19 -40.33 -7.38
CA PHE E 117 -6.50 -41.44 -6.46
C PHE E 117 -6.91 -40.87 -5.12
N PRO E 118 -7.95 -41.43 -4.48
CA PRO E 118 -8.20 -41.13 -3.08
C PRO E 118 -7.11 -41.81 -2.27
N PRO E 119 -6.88 -41.39 -1.01
CA PRO E 119 -6.01 -42.12 -0.11
C PRO E 119 -6.60 -43.50 0.21
N GLU E 120 -5.73 -44.46 0.57
CA GLU E 120 -6.06 -45.58 1.47
C GLU E 120 -5.54 -45.25 2.88
N VAL E 121 -6.37 -45.43 3.90
CA VAL E 121 -6.10 -45.07 5.32
C VAL E 121 -6.06 -46.35 6.13
N ALA E 122 -5.26 -46.38 7.18
CA ALA E 122 -5.20 -47.49 8.16
C ALA E 122 -4.73 -46.95 9.51
N VAL E 123 -5.30 -47.44 10.60
CA VAL E 123 -4.85 -47.16 11.99
C VAL E 123 -3.94 -48.28 12.42
N PHE E 124 -2.88 -47.95 13.13
CA PHE E 124 -1.97 -48.93 13.75
C PHE E 124 -2.04 -48.75 15.26
N GLU E 125 -2.31 -49.85 15.98
CA GLU E 125 -2.61 -49.86 17.44
C GLU E 125 -1.29 -49.78 18.20
N PRO E 126 -1.28 -49.11 19.36
CA PRO E 126 -0.04 -48.92 20.11
C PRO E 126 0.60 -50.24 20.54
N SER E 127 1.93 -50.23 20.52
CA SER E 127 2.85 -51.27 21.05
C SER E 127 2.54 -51.55 22.52
N GLU E 128 2.42 -52.84 22.88
CA GLU E 128 2.54 -53.34 24.28
C GLU E 128 3.79 -52.72 24.93
N ALA E 129 4.91 -52.59 24.20
CA ALA E 129 6.23 -52.24 24.77
C ALA E 129 6.22 -50.78 25.23
N GLU E 130 5.52 -49.92 24.49
CA GLU E 130 5.43 -48.47 24.80
C GLU E 130 4.59 -48.30 26.07
N ILE E 131 3.54 -49.09 26.20
CA ILE E 131 2.61 -49.07 27.36
C ILE E 131 3.36 -49.53 28.61
N SER E 132 4.20 -50.58 28.53
CA SER E 132 5.06 -51.02 29.67
C SER E 132 5.93 -49.85 30.08
N HIS E 133 6.70 -49.30 29.14
CA HIS E 133 7.85 -48.40 29.42
C HIS E 133 7.39 -46.98 29.79
N THR E 134 6.25 -46.51 29.29
CA THR E 134 5.87 -45.07 29.32
C THR E 134 4.53 -44.84 30.00
N GLN E 135 3.65 -45.85 30.07
CA GLN E 135 2.21 -45.70 30.43
C GLN E 135 1.54 -44.68 29.49
N LYS E 136 2.08 -44.53 28.28
CA LYS E 136 1.41 -43.82 27.17
C LYS E 136 1.19 -44.81 26.03
N ALA E 137 0.27 -44.48 25.12
CA ALA E 137 -0.11 -45.31 23.96
C ALA E 137 -0.25 -44.41 22.72
N THR E 138 0.68 -44.56 21.77
CA THR E 138 0.71 -43.86 20.47
C THR E 138 -0.03 -44.68 19.40
N LEU E 139 -1.17 -44.19 18.90
CA LEU E 139 -1.80 -44.65 17.62
C LEU E 139 -1.11 -43.94 16.47
N VAL E 140 -0.84 -44.66 15.37
CA VAL E 140 -0.33 -44.09 14.12
C VAL E 140 -1.40 -44.26 13.06
N CYS E 141 -1.68 -43.20 12.33
CA CYS E 141 -2.54 -43.23 11.13
C CYS E 141 -1.68 -43.03 9.88
N LEU E 142 -1.91 -43.83 8.85
CA LEU E 142 -1.15 -43.80 7.58
C LEU E 142 -2.14 -43.68 6.42
N ALA E 143 -2.02 -42.65 5.61
CA ALA E 143 -2.79 -42.46 4.36
C ALA E 143 -1.82 -42.59 3.18
N THR E 144 -2.11 -43.48 2.24
CA THR E 144 -1.17 -43.87 1.14
C THR E 144 -1.85 -43.74 -0.23
N GLY E 145 -1.04 -43.46 -1.24
CA GLY E 145 -1.40 -43.63 -2.65
C GLY E 145 -2.50 -42.68 -3.10
N PHE E 146 -2.55 -41.47 -2.52
CA PHE E 146 -3.43 -40.37 -3.01
C PHE E 146 -2.64 -39.45 -3.94
N TYR E 147 -3.28 -38.97 -5.00
CA TYR E 147 -2.87 -37.80 -5.81
C TYR E 147 -4.12 -36.99 -6.12
N PRO E 148 -4.08 -35.64 -6.04
CA PRO E 148 -2.87 -34.91 -5.63
C PRO E 148 -2.71 -34.79 -4.11
N ASP E 149 -1.69 -34.05 -3.67
CA ASP E 149 -1.34 -33.80 -2.24
C ASP E 149 -2.32 -32.80 -1.59
N HIS E 150 -3.62 -33.07 -1.64
CA HIS E 150 -4.70 -32.19 -1.10
C HIS E 150 -5.53 -32.97 -0.09
N VAL E 151 -5.15 -32.98 1.19
CA VAL E 151 -5.87 -33.73 2.26
C VAL E 151 -5.82 -32.94 3.56
N GLU E 152 -6.84 -33.12 4.39
CA GLU E 152 -6.86 -32.68 5.81
C GLU E 152 -7.02 -33.94 6.64
N LEU E 153 -6.10 -34.20 7.55
CA LEU E 153 -6.20 -35.36 8.47
C LEU E 153 -6.52 -34.84 9.86
N SER E 154 -7.46 -35.50 10.52
CA SER E 154 -7.96 -35.18 11.86
C SER E 154 -8.31 -36.48 12.58
N TRP E 155 -8.20 -36.51 13.90
CA TRP E 155 -8.62 -37.65 14.76
C TRP E 155 -9.95 -37.32 15.47
N TRP E 156 -10.80 -38.33 15.61
CA TRP E 156 -12.07 -38.28 16.35
C TRP E 156 -12.03 -39.38 17.40
N VAL E 157 -12.06 -38.99 18.66
CA VAL E 157 -12.16 -39.92 19.81
C VAL E 157 -13.54 -39.76 20.44
N ASN E 158 -14.29 -40.85 20.50
CA ASN E 158 -15.69 -40.89 20.98
C ASN E 158 -16.48 -39.76 20.31
N GLY E 159 -16.25 -39.57 19.00
CA GLY E 159 -17.07 -38.71 18.15
C GLY E 159 -16.58 -37.28 18.17
N LYS E 160 -15.62 -36.95 19.04
CA LYS E 160 -15.09 -35.57 19.19
C LYS E 160 -13.78 -35.48 18.41
N GLU E 161 -13.59 -34.39 17.65
CA GLU E 161 -12.26 -33.94 17.18
C GLU E 161 -11.37 -33.67 18.40
N VAL E 162 -10.16 -34.20 18.36
CA VAL E 162 -9.15 -34.03 19.44
C VAL E 162 -8.12 -33.02 18.94
N HIS E 163 -7.76 -32.05 19.78
CA HIS E 163 -6.90 -30.89 19.41
C HIS E 163 -5.62 -30.87 20.24
N SER E 164 -5.27 -31.98 20.90
CA SER E 164 -4.01 -32.17 21.66
C SER E 164 -3.59 -33.64 21.59
N GLY E 165 -2.30 -33.92 21.78
CA GLY E 165 -1.74 -35.26 21.66
C GLY E 165 -1.79 -35.77 20.23
N VAL E 166 -1.81 -34.86 19.25
CA VAL E 166 -1.82 -35.16 17.79
C VAL E 166 -0.59 -34.54 17.15
N CYS E 167 -0.12 -35.16 16.11
CA CYS E 167 0.97 -34.67 15.25
C CYS E 167 0.74 -35.20 13.84
N THR E 168 0.66 -34.32 12.86
CA THR E 168 0.51 -34.75 11.44
C THR E 168 1.73 -34.29 10.70
N ASP E 169 2.37 -35.15 9.93
CA ASP E 169 3.52 -34.72 9.10
C ASP E 169 3.14 -33.39 8.45
N PRO E 170 3.96 -32.32 8.59
CA PRO E 170 3.66 -31.03 7.98
C PRO E 170 3.59 -31.05 6.44
N GLN E 171 4.33 -31.96 5.81
CA GLN E 171 4.37 -32.11 4.34
C GLN E 171 4.07 -33.56 3.98
N PRO E 172 3.08 -33.80 3.10
CA PRO E 172 2.95 -35.07 2.42
C PRO E 172 4.29 -35.50 1.84
N LEU E 173 4.44 -36.79 1.62
CA LEU E 173 5.73 -37.45 1.35
C LEU E 173 5.55 -38.27 0.07
N LYS E 174 6.48 -38.13 -0.89
CA LYS E 174 6.34 -38.68 -2.25
C LYS E 174 6.69 -40.17 -2.19
N GLU E 175 5.94 -41.00 -2.92
CA GLU E 175 6.12 -42.48 -3.01
C GLU E 175 7.29 -42.73 -3.97
N GLN E 176 7.59 -41.74 -4.80
CA GLN E 176 8.78 -41.66 -5.68
C GLN E 176 9.24 -40.21 -5.77
N PRO E 177 10.08 -39.75 -4.82
CA PRO E 177 10.35 -38.33 -4.63
C PRO E 177 11.10 -37.60 -5.77
N ALA E 178 11.81 -38.34 -6.61
CA ALA E 178 12.64 -37.79 -7.69
C ALA E 178 11.74 -37.17 -8.75
N LEU E 179 10.53 -37.69 -8.91
CA LEU E 179 9.63 -37.31 -10.05
C LEU E 179 8.80 -36.07 -9.66
N ASN E 180 8.44 -35.24 -10.64
CA ASN E 180 7.32 -34.26 -10.58
C ASN E 180 6.03 -35.01 -10.19
N ASP E 181 5.65 -36.00 -11.01
CA ASP E 181 4.33 -36.70 -10.99
C ASP E 181 4.55 -38.07 -10.33
N SER E 182 3.79 -38.33 -9.26
CA SER E 182 4.02 -39.38 -8.22
C SER E 182 2.93 -39.25 -7.17
N ARG E 183 2.44 -40.38 -6.66
CA ARG E 183 1.43 -40.40 -5.58
C ARG E 183 2.11 -40.07 -4.24
N TYR E 184 1.32 -39.94 -3.19
CA TYR E 184 1.74 -39.33 -1.89
C TYR E 184 1.27 -40.22 -0.74
N ALA E 185 2.03 -40.18 0.37
CA ALA E 185 1.64 -40.72 1.69
C ALA E 185 1.76 -39.63 2.76
N LEU E 186 1.03 -39.81 3.87
CA LEU E 186 1.01 -38.90 5.04
C LEU E 186 0.74 -39.74 6.29
N SER E 187 1.52 -39.56 7.35
CA SER E 187 1.31 -40.22 8.66
C SER E 187 0.83 -39.19 9.67
N SER E 188 0.04 -39.64 10.66
CA SER E 188 -0.34 -38.87 11.87
C SER E 188 -0.21 -39.75 13.12
N ARG E 189 0.11 -39.12 14.24
CA ARG E 189 0.25 -39.75 15.57
C ARG E 189 -0.77 -39.11 16.51
N LEU E 190 -1.55 -39.96 17.21
CA LEU E 190 -2.39 -39.60 18.39
C LEU E 190 -1.84 -40.35 19.61
N ARG E 191 -1.38 -39.63 20.62
CA ARG E 191 -0.80 -40.23 21.85
C ARG E 191 -1.76 -39.99 23.00
N VAL E 192 -2.25 -41.07 23.63
CA VAL E 192 -3.14 -41.00 24.81
C VAL E 192 -2.47 -41.74 25.97
N SER E 193 -3.06 -41.62 27.16
CA SER E 193 -2.74 -42.44 28.36
C SER E 193 -2.99 -43.92 28.05
N ALA E 194 -2.14 -44.80 28.58
CA ALA E 194 -2.31 -46.26 28.51
C ALA E 194 -3.68 -46.65 29.07
N THR E 195 -4.14 -45.98 30.13
CA THR E 195 -5.48 -46.24 30.73
C THR E 195 -6.58 -45.88 29.73
N PHE E 196 -6.48 -44.72 29.06
CA PHE E 196 -7.48 -44.30 28.07
C PHE E 196 -7.64 -45.37 26.96
N TRP E 197 -6.52 -45.78 26.37
CA TRP E 197 -6.48 -46.79 25.27
C TRP E 197 -7.04 -48.14 25.73
N GLN E 198 -6.83 -48.48 27.01
CA GLN E 198 -7.11 -49.82 27.59
C GLN E 198 -8.62 -50.00 27.83
N ASP E 199 -9.38 -48.92 27.80
CA ASP E 199 -10.85 -48.90 27.91
C ASP E 199 -11.44 -49.25 26.54
N PRO E 200 -12.14 -50.40 26.43
CA PRO E 200 -12.61 -50.89 25.14
C PRO E 200 -13.89 -50.22 24.61
N ARG E 201 -14.54 -49.36 25.41
CA ARG E 201 -15.69 -48.52 24.96
C ARG E 201 -15.18 -47.22 24.30
N ASN E 202 -13.88 -46.90 24.42
CA ASN E 202 -13.26 -45.73 23.74
C ASN E 202 -13.05 -46.07 22.27
N HIS E 203 -13.45 -45.18 21.36
CA HIS E 203 -13.45 -45.35 19.89
C HIS E 203 -12.50 -44.33 19.25
N PHE E 204 -11.53 -44.82 18.47
CA PHE E 204 -10.49 -44.02 17.80
C PHE E 204 -10.74 -44.06 16.30
N ARG E 205 -10.98 -42.91 15.68
CA ARG E 205 -11.14 -42.80 14.21
C ARG E 205 -10.12 -41.78 13.69
N CYS E 206 -9.42 -42.17 12.63
CA CYS E 206 -8.55 -41.31 11.82
C CYS E 206 -9.30 -40.96 10.54
N GLN E 207 -9.35 -39.70 10.19
CA GLN E 207 -10.24 -39.17 9.12
C GLN E 207 -9.40 -38.38 8.13
N VAL E 208 -9.52 -38.68 6.84
CA VAL E 208 -8.77 -37.93 5.79
C VAL E 208 -9.77 -37.38 4.79
N GLN E 209 -9.98 -36.06 4.83
CA GLN E 209 -10.75 -35.31 3.82
C GLN E 209 -9.87 -35.23 2.58
N PHE E 210 -10.26 -35.91 1.49
CA PHE E 210 -9.61 -35.80 0.16
C PHE E 210 -10.32 -34.73 -0.63
N TYR E 211 -9.56 -33.83 -1.26
CA TYR E 211 -10.08 -32.89 -2.28
C TYR E 211 -9.68 -33.38 -3.66
N GLY E 212 -10.63 -33.98 -4.36
CA GLY E 212 -10.44 -34.56 -5.69
C GLY E 212 -11.35 -33.93 -6.71
N LEU E 213 -12.06 -34.74 -7.47
CA LEU E 213 -12.77 -34.33 -8.68
C LEU E 213 -14.15 -33.81 -8.27
N SER E 214 -14.81 -33.09 -9.17
CA SER E 214 -16.18 -32.57 -9.02
C SER E 214 -17.16 -33.53 -9.67
N GLU E 215 -18.46 -33.31 -9.45
CA GLU E 215 -19.56 -34.03 -10.15
C GLU E 215 -19.62 -33.58 -11.61
N ASN E 216 -19.16 -32.34 -11.90
CA ASN E 216 -19.07 -31.79 -13.28
C ASN E 216 -18.05 -32.63 -14.08
N ASP E 217 -17.01 -33.15 -13.39
CA ASP E 217 -15.83 -33.81 -14.01
C ASP E 217 -16.29 -35.09 -14.74
N GLU E 218 -15.63 -35.39 -15.86
CA GLU E 218 -15.87 -36.60 -16.68
C GLU E 218 -15.06 -37.78 -16.13
N TRP E 219 -15.62 -39.00 -16.22
CA TRP E 219 -14.98 -40.22 -15.70
C TRP E 219 -15.39 -41.43 -16.54
N THR E 220 -14.44 -41.99 -17.30
CA THR E 220 -14.67 -43.12 -18.26
C THR E 220 -14.09 -44.44 -17.70
N GLN E 221 -13.49 -44.42 -16.51
CA GLN E 221 -12.77 -45.59 -15.90
C GLN E 221 -13.75 -46.46 -15.09
N ASP E 222 -13.24 -47.46 -14.38
CA ASP E 222 -14.04 -48.55 -13.75
C ASP E 222 -14.16 -48.32 -12.25
N ARG E 223 -13.04 -48.07 -11.57
CA ARG E 223 -13.01 -47.74 -10.11
C ARG E 223 -13.86 -46.51 -9.84
N ALA E 224 -14.23 -46.28 -8.58
CA ALA E 224 -15.07 -45.16 -8.13
C ALA E 224 -14.46 -43.85 -8.66
N LYS E 225 -15.31 -42.94 -9.16
CA LYS E 225 -14.91 -41.54 -9.45
C LYS E 225 -14.15 -41.06 -8.23
N PRO E 226 -12.87 -40.62 -8.36
CA PRO E 226 -12.11 -40.07 -7.24
C PRO E 226 -12.60 -38.67 -6.84
N VAL E 227 -13.78 -38.62 -6.23
CA VAL E 227 -14.44 -37.34 -5.83
C VAL E 227 -13.77 -36.79 -4.55
N THR E 228 -14.15 -35.59 -4.17
CA THR E 228 -13.94 -35.03 -2.82
C THR E 228 -14.72 -35.96 -1.88
N GLN E 229 -14.03 -36.59 -0.92
CA GLN E 229 -14.61 -37.67 -0.05
C GLN E 229 -13.82 -37.76 1.27
N ILE E 230 -14.48 -38.25 2.30
CA ILE E 230 -13.82 -38.61 3.59
C ILE E 230 -13.54 -40.12 3.56
N VAL E 231 -12.30 -40.51 3.88
CA VAL E 231 -11.88 -41.92 4.11
C VAL E 231 -11.37 -42.05 5.54
N SER E 232 -11.98 -42.95 6.32
CA SER E 232 -11.68 -43.21 7.75
C SER E 232 -11.07 -44.60 7.89
N ALA E 233 -10.21 -44.77 8.89
CA ALA E 233 -9.95 -46.07 9.55
C ALA E 233 -10.19 -45.87 11.06
N GLU E 234 -10.45 -46.96 11.76
CA GLU E 234 -10.98 -46.92 13.14
C GLU E 234 -10.27 -47.99 13.95
N ALA E 235 -10.23 -47.81 15.26
CA ALA E 235 -9.79 -48.81 16.25
C ALA E 235 -10.56 -48.60 17.55
N TRP E 236 -10.95 -49.67 18.24
CA TRP E 236 -11.52 -49.58 19.61
C TRP E 236 -10.38 -49.80 20.62
N GLY E 237 -10.48 -49.18 21.80
CA GLY E 237 -9.56 -49.43 22.92
C GLY E 237 -9.50 -50.92 23.21
N ARG E 238 -8.51 -51.37 23.97
CA ARG E 238 -8.31 -52.82 24.23
C ARG E 238 -7.53 -53.04 25.54
N ALA E 239 -8.08 -53.88 26.42
CA ALA E 239 -7.50 -54.27 27.73
C ALA E 239 -6.28 -55.19 27.55
N ASP E 240 -6.04 -55.72 26.34
CA ASP E 240 -4.97 -56.72 26.04
C ASP E 240 -3.60 -56.22 26.50
#